data_3WIH
#
_entry.id   3WIH
#
_cell.length_a   159.474
_cell.length_b   102.601
_cell.length_c   97.236
_cell.angle_alpha   90.00
_cell.angle_beta   127.57
_cell.angle_gamma   90.00
#
_symmetry.space_group_name_H-M   'C 1 2 1'
#
loop_
_entity.id
_entity.type
_entity.pdbx_description
1 polymer 'Roundabout homolog 1'
2 polymer 'anti-human ROBO1 antibody B2212A Fab light chain'
3 polymer 'anti-human ROBO1 antibody B2212A Fab heavy chain'
4 non-polymer GLYCEROL
5 water water
#
loop_
_entity_poly.entity_id
_entity_poly.type
_entity_poly.pdbx_seq_one_letter_code
_entity_poly.pdbx_strand_id
1 'polypeptide(L)'
;APPQGVTVSKNDGNGTAILVSWQPPPEDTQNGMVQEYKVWCLGNETRYHINKTVDGSTFSVVIPFLVPGIRYSVEVAAST
GAGSGVKSEPQFIQLDA
;
A,B
2 'polypeptide(L)'
;DIQMTQTTSSLSASLGDRVTISCRASQDISNFLNWYQQKPDGTVKLLIYYTSRLHSGVPSRFSGSGSGTDFSLTISKLEQ
EDIATYFCQQGNTLPLTFGAGTKLELKRAEAAPTVSIFPPSSEQLTSGGASVVCFLNNFYPKDINVKWKIDGSERQNGVL
NSWTDQDSKDSTYSMSSTLTLTKDEYERHNSYTCEATHKTSTSPIVKSFNRNE
;
L,M
3 'polypeptide(L)'
;EVQLQQSGPELVKPGASVKISCKASGYTFTDYYMNWVKLSHGKSLEWIGDIVPNNGDTTYNQNFRGKATLTVDKSSSTAY
MELRSLTSEDSAVYYCARFSNYVYPFDYWGQGTTLTVSSAKTTAPSVYPLAPVCGDTTGSSVTLGCLVKGYFPEPVTLTW
NSGSLSSGVHTFPAILQSDLYTLSSSVTVTSSTWPSQSITCNVAHPASSTKVDKKIEPR
;
H,I
#
loop_
_chem_comp.id
_chem_comp.type
_chem_comp.name
_chem_comp.formula
GOL non-polymer GLYCEROL 'C3 H8 O3'
#
# COMPACT_ATOMS: atom_id res chain seq x y z
N ALA A 1 -41.35 3.78 52.33
CA ALA A 1 -42.46 4.69 52.08
C ALA A 1 -42.54 5.05 50.60
N PRO A 2 -43.76 5.14 50.06
CA PRO A 2 -43.97 5.44 48.64
C PRO A 2 -43.66 6.89 48.26
N PRO A 3 -43.27 7.11 47.00
CA PRO A 3 -43.12 8.46 46.46
C PRO A 3 -44.44 9.21 46.58
N GLN A 4 -44.38 10.53 46.76
CA GLN A 4 -45.58 11.31 47.05
C GLN A 4 -46.06 12.12 45.86
N GLY A 5 -47.36 12.40 45.84
CA GLY A 5 -47.98 13.25 44.84
C GLY A 5 -47.65 12.87 43.41
N VAL A 6 -47.78 11.58 43.10
CA VAL A 6 -47.51 11.09 41.75
C VAL A 6 -48.42 11.79 40.75
N THR A 7 -47.82 12.27 39.67
CA THR A 7 -48.55 12.96 38.63
C THR A 7 -48.42 12.18 37.33
N VAL A 8 -49.52 12.03 36.60
CA VAL A 8 -49.51 11.37 35.30
C VAL A 8 -50.27 12.22 34.28
N SER A 9 -49.65 12.50 33.13
CA SER A 9 -50.29 13.29 32.10
C SER A 9 -49.72 12.94 30.72
N LYS A 10 -50.47 13.24 29.67
CA LYS A 10 -49.98 13.05 28.31
C LYS A 10 -48.83 14.00 28.02
N ASN A 11 -47.71 13.47 27.53
CA ASN A 11 -46.60 14.29 27.07
C ASN A 11 -47.01 15.14 25.87
N ASP A 12 -48.14 14.72 25.29
CA ASP A 12 -48.92 15.32 24.20
C ASP A 12 -48.21 16.08 23.08
N GLY A 13 -49.04 16.66 22.22
CA GLY A 13 -48.63 17.13 20.91
C GLY A 13 -49.61 16.51 19.92
N ASN A 14 -49.39 15.24 19.60
CA ASN A 14 -50.36 14.38 18.93
C ASN A 14 -49.85 12.94 18.93
N GLY A 15 -48.90 12.67 19.83
CA GLY A 15 -48.26 11.37 19.91
C GLY A 15 -49.04 10.35 20.72
N THR A 16 -48.42 9.87 21.80
CA THR A 16 -48.91 8.68 22.51
C THR A 16 -48.18 8.51 23.86
N ALA A 17 -47.14 9.31 24.06
CA ALA A 17 -46.35 9.23 25.30
C ALA A 17 -47.02 9.89 26.50
N ILE A 18 -46.69 9.40 27.69
CA ILE A 18 -47.13 10.05 28.92
C ILE A 18 -45.94 10.52 29.75
N LEU A 19 -46.19 11.42 30.67
CA LEU A 19 -45.15 11.93 31.56
C LEU A 19 -45.52 11.60 32.99
N VAL A 20 -44.66 10.82 33.65
CA VAL A 20 -44.89 10.42 35.03
C VAL A 20 -43.94 11.17 35.96
N SER A 21 -44.47 11.78 37.01
CA SER A 21 -43.65 12.57 37.92
C SER A 21 -44.05 12.36 39.37
N TRP A 22 -43.13 12.62 40.29
CA TRP A 22 -43.38 12.38 41.70
C TRP A 22 -42.53 13.25 42.61
N GLN A 23 -42.89 13.22 43.89
CA GLN A 23 -42.09 13.82 44.96
C GLN A 23 -41.45 12.69 45.77
N PRO A 24 -40.34 12.98 46.48
CA PRO A 24 -39.68 11.95 47.29
C PRO A 24 -40.55 11.49 48.45
N PRO A 25 -40.30 10.28 48.97
CA PRO A 25 -40.96 9.80 50.19
C PRO A 25 -40.56 10.64 51.39
N PRO A 26 -41.36 10.62 52.47
CA PRO A 26 -41.01 11.36 53.69
C PRO A 26 -39.69 10.90 54.29
N GLU A 27 -39.18 11.67 55.26
CA GLU A 27 -37.89 11.39 55.90
C GLU A 27 -36.76 11.36 54.88
N MET A 33 -31.41 6.65 52.11
CA MET A 33 -31.04 7.39 50.91
C MET A 33 -31.52 6.68 49.66
N VAL A 34 -32.45 7.30 48.94
CA VAL A 34 -33.02 6.73 47.72
C VAL A 34 -31.99 6.69 46.60
N GLN A 35 -31.74 5.50 46.07
CA GLN A 35 -30.77 5.31 45.00
C GLN A 35 -31.44 5.21 43.64
N GLU A 36 -32.65 4.66 43.61
CA GLU A 36 -33.38 4.46 42.38
C GLU A 36 -34.89 4.63 42.55
N TYR A 37 -35.55 5.11 41.50
CA TYR A 37 -37.00 5.10 41.42
C TYR A 37 -37.45 4.12 40.33
N LYS A 38 -38.46 3.33 40.63
CA LYS A 38 -38.98 2.37 39.67
C LYS A 38 -40.42 2.67 39.32
N VAL A 39 -40.74 2.60 38.03
CA VAL A 39 -42.08 2.88 37.56
C VAL A 39 -42.69 1.64 36.89
N TRP A 40 -43.90 1.28 37.28
CA TRP A 40 -44.64 0.21 36.63
C TRP A 40 -45.81 0.78 35.86
N CYS A 41 -45.82 0.53 34.56
CA CYS A 41 -46.93 0.94 33.70
C CYS A 41 -47.60 -0.31 33.16
N LEU A 42 -48.70 -0.72 33.78
CA LEU A 42 -49.28 -2.04 33.54
C LEU A 42 -50.63 -2.00 32.84
N GLY A 43 -50.82 -2.93 31.91
CA GLY A 43 -52.11 -3.09 31.24
C GLY A 43 -52.84 -4.30 31.77
N ASN A 44 -53.90 -4.71 31.10
CA ASN A 44 -54.68 -5.88 31.52
C ASN A 44 -54.00 -7.20 31.19
N GLU A 45 -53.01 -7.18 30.30
CA GLU A 45 -52.24 -8.38 29.98
C GLU A 45 -50.74 -8.16 30.15
N THR A 46 -50.02 -9.26 30.34
CA THR A 46 -48.57 -9.22 30.60
C THR A 46 -47.78 -8.55 29.46
N ARG A 47 -48.27 -8.70 28.23
CA ARG A 47 -47.58 -8.18 27.05
CA ARG A 47 -47.57 -8.18 27.06
C ARG A 47 -47.56 -6.66 27.01
N TYR A 48 -48.36 -6.01 27.85
CA TYR A 48 -48.41 -4.55 27.88
C TYR A 48 -47.52 -3.96 28.97
N HIS A 49 -47.00 -4.83 29.84
CA HIS A 49 -46.17 -4.43 30.97
CA HIS A 49 -46.20 -4.38 30.98
C HIS A 49 -44.96 -3.60 30.56
N ILE A 50 -44.80 -2.42 31.15
CA ILE A 50 -43.63 -1.57 30.93
C ILE A 50 -42.90 -1.31 32.24
N ASN A 51 -41.59 -1.59 32.26
CA ASN A 51 -40.74 -1.24 33.39
C ASN A 51 -39.85 -0.05 33.06
N LYS A 52 -39.68 0.85 34.02
CA LYS A 52 -38.76 1.97 33.85
C LYS A 52 -38.05 2.28 35.15
N THR A 53 -36.75 2.57 35.06
CA THR A 53 -35.93 2.86 36.22
C THR A 53 -35.14 4.15 36.03
N VAL A 54 -35.13 5.01 37.05
CA VAL A 54 -34.33 6.23 37.04
C VAL A 54 -33.58 6.36 38.37
N ASP A 55 -32.58 7.24 38.42
CA ASP A 55 -31.78 7.38 39.63
C ASP A 55 -32.52 8.14 40.73
N GLY A 56 -31.90 8.24 41.89
CA GLY A 56 -32.52 8.85 43.06
C GLY A 56 -32.69 10.35 43.01
N SER A 57 -32.09 11.00 42.01
CA SER A 57 -32.19 12.45 41.87
C SER A 57 -33.05 12.83 40.68
N THR A 58 -33.78 11.85 40.14
CA THR A 58 -34.68 12.07 39.02
C THR A 58 -36.12 11.90 39.50
N PHE A 59 -36.99 12.83 39.10
CA PHE A 59 -38.34 12.86 39.64
C PHE A 59 -39.41 12.96 38.55
N SER A 60 -39.00 12.69 37.32
CA SER A 60 -39.95 12.59 36.22
C SER A 60 -39.36 11.73 35.12
N VAL A 61 -40.22 11.01 34.41
CA VAL A 61 -39.77 10.19 33.30
C VAL A 61 -40.86 10.13 32.22
N VAL A 62 -40.43 10.11 30.97
CA VAL A 62 -41.35 9.96 29.86
C VAL A 62 -41.48 8.47 29.53
N ILE A 63 -42.71 8.00 29.39
CA ILE A 63 -42.95 6.64 28.94
C ILE A 63 -43.65 6.67 27.59
N PRO A 64 -42.91 6.37 26.52
CA PRO A 64 -43.50 6.44 25.18
C PRO A 64 -44.31 5.20 24.81
N PHE A 65 -45.06 5.30 23.72
CA PHE A 65 -45.65 4.16 23.03
C PHE A 65 -46.76 3.42 23.78
N LEU A 66 -47.51 4.12 24.64
CA LEU A 66 -48.66 3.46 25.26
C LEU A 66 -49.68 3.05 24.20
N VAL A 67 -50.27 1.87 24.36
CA VAL A 67 -51.23 1.39 23.38
C VAL A 67 -52.59 2.08 23.59
N PRO A 68 -53.09 2.75 22.55
CA PRO A 68 -54.37 3.46 22.60
C PRO A 68 -55.55 2.53 22.92
N GLY A 69 -56.44 3.00 23.79
CA GLY A 69 -57.61 2.23 24.16
C GLY A 69 -57.35 1.27 25.31
N ILE A 70 -56.09 1.18 25.74
CA ILE A 70 -55.72 0.30 26.84
C ILE A 70 -55.64 1.08 28.15
N ARG A 71 -56.38 0.62 29.15
CA ARG A 71 -56.35 1.24 30.47
C ARG A 71 -55.08 0.84 31.22
N TYR A 72 -54.20 1.81 31.43
CA TYR A 72 -52.95 1.56 32.12
C TYR A 72 -53.01 1.99 33.58
N SER A 73 -52.35 1.22 34.44
CA SER A 73 -52.12 1.66 35.81
C SER A 73 -50.66 2.12 35.94
N VAL A 74 -50.44 3.17 36.73
CA VAL A 74 -49.10 3.69 36.94
C VAL A 74 -48.74 3.69 38.41
N GLU A 75 -47.63 3.05 38.75
CA GLU A 75 -47.16 2.99 40.12
C GLU A 75 -45.69 3.34 40.20
N VAL A 76 -45.28 4.01 41.27
CA VAL A 76 -43.88 4.37 41.47
C VAL A 76 -43.39 3.88 42.83
N ALA A 77 -42.15 3.44 42.91
CA ALA A 77 -41.56 3.04 44.17
C ALA A 77 -40.12 3.51 44.29
N ALA A 78 -39.69 3.79 45.52
CA ALA A 78 -38.31 4.14 45.79
C ALA A 78 -37.51 2.88 46.13
N SER A 79 -36.20 2.92 45.86
CA SER A 79 -35.36 1.76 46.12
C SER A 79 -34.08 2.13 46.84
N GLY A 83 -34.59 -4.53 46.67
CA GLY A 83 -35.53 -4.46 45.57
C GLY A 83 -36.16 -3.08 45.43
N SER A 84 -37.28 -2.88 46.12
CA SER A 84 -37.96 -1.60 46.10
C SER A 84 -38.92 -1.47 47.28
N GLY A 85 -39.33 -0.23 47.57
CA GLY A 85 -40.21 0.02 48.69
C GLY A 85 -41.69 -0.05 48.33
N VAL A 86 -42.52 0.51 49.20
CA VAL A 86 -43.96 0.53 48.98
C VAL A 86 -44.33 1.33 47.74
N LYS A 87 -45.21 0.79 46.92
CA LYS A 87 -45.63 1.46 45.70
C LYS A 87 -46.69 2.52 45.97
N SER A 88 -46.65 3.60 45.19
CA SER A 88 -47.69 4.61 45.25
C SER A 88 -49.03 4.00 44.86
N GLU A 89 -50.13 4.58 45.35
CA GLU A 89 -51.44 4.09 44.97
C GLU A 89 -51.61 4.31 43.47
N PRO A 90 -52.06 3.27 42.75
CA PRO A 90 -52.12 3.30 41.29
C PRO A 90 -53.03 4.40 40.73
N GLN A 91 -52.53 5.13 39.76
CA GLN A 91 -53.35 6.06 38.99
C GLN A 91 -53.55 5.48 37.60
N PHE A 92 -54.61 5.91 36.93
CA PHE A 92 -55.00 5.30 35.67
C PHE A 92 -55.08 6.31 34.53
N ILE A 93 -54.74 5.85 33.33
CA ILE A 93 -54.81 6.72 32.15
C ILE A 93 -55.06 5.86 30.91
N GLN A 94 -55.87 6.38 30.00
CA GLN A 94 -56.21 5.66 28.78
C GLN A 94 -56.33 6.65 27.62
N LEU A 95 -55.55 6.41 26.57
CA LEU A 95 -55.51 7.32 25.44
C LEU A 95 -56.55 6.97 24.38
N ASP A 96 -56.94 7.96 23.59
CA ASP A 96 -57.94 7.76 22.54
C ASP A 96 -57.38 6.91 21.40
N ASP B 1 -47.96 -18.17 12.07
CA ASP B 1 -47.28 -16.89 11.92
C ASP B 1 -48.10 -15.94 11.05
N ILE B 2 -47.88 -14.65 11.23
CA ILE B 2 -48.55 -13.63 10.41
C ILE B 2 -47.59 -13.14 9.33
N GLN B 3 -48.05 -13.16 8.08
CA GLN B 3 -47.23 -12.71 6.97
C GLN B 3 -47.50 -11.26 6.61
N MET B 4 -46.43 -10.46 6.57
CA MET B 4 -46.53 -9.07 6.15
C MET B 4 -46.07 -8.92 4.71
N THR B 5 -46.92 -8.35 3.87
CA THR B 5 -46.62 -8.27 2.45
C THR B 5 -46.49 -6.85 1.92
N GLN B 6 -45.28 -6.50 1.48
CA GLN B 6 -45.07 -5.27 0.74
C GLN B 6 -44.89 -5.63 -0.73
N THR B 7 -45.98 -5.59 -1.49
CA THR B 7 -46.01 -6.06 -2.87
C THR B 7 -44.96 -5.38 -3.75
N THR B 8 -44.75 -4.08 -3.54
CA THR B 8 -43.78 -3.33 -4.31
C THR B 8 -42.44 -3.28 -3.59
N SER B 9 -41.42 -3.88 -4.19
CA SER B 9 -40.09 -3.93 -3.59
C SER B 9 -39.25 -2.73 -3.99
N SER B 10 -39.59 -2.11 -5.12
CA SER B 10 -38.85 -0.97 -5.63
C SER B 10 -39.80 0.08 -6.20
N LEU B 11 -39.67 1.31 -5.72
CA LEU B 11 -40.58 2.38 -6.13
C LEU B 11 -39.81 3.63 -6.56
N SER B 12 -40.09 4.11 -7.77
CA SER B 12 -39.44 5.31 -8.28
C SER B 12 -40.39 6.49 -8.31
N ALA B 13 -39.92 7.64 -7.84
CA ALA B 13 -40.72 8.85 -7.84
C ALA B 13 -39.85 10.07 -8.02
N SER B 14 -40.48 11.22 -8.25
CA SER B 14 -39.73 12.48 -8.37
C SER B 14 -39.69 13.19 -7.03
N LEU B 15 -38.68 14.04 -6.83
CA LEU B 15 -38.63 14.86 -5.63
C LEU B 15 -39.83 15.78 -5.59
N GLY B 16 -40.46 15.88 -4.43
CA GLY B 16 -41.64 16.71 -4.28
C GLY B 16 -42.93 15.95 -4.50
N ASP B 17 -42.83 14.71 -4.95
CA ASP B 17 -44.01 13.88 -5.16
C ASP B 17 -44.62 13.39 -3.86
N ARG B 18 -45.89 13.04 -3.90
CA ARG B 18 -46.55 12.35 -2.81
C ARG B 18 -46.35 10.86 -2.98
N VAL B 19 -45.58 10.25 -2.08
CA VAL B 19 -45.23 8.84 -2.20
C VAL B 19 -45.93 8.00 -1.14
N THR B 20 -46.59 6.93 -1.58
CA THR B 20 -47.27 6.03 -0.66
C THR B 20 -46.75 4.60 -0.79
N ILE B 21 -46.36 4.02 0.34
CA ILE B 21 -45.88 2.65 0.40
C ILE B 21 -46.90 1.78 1.12
N SER B 22 -47.29 0.66 0.51
CA SER B 22 -48.33 -0.19 1.05
C SER B 22 -47.79 -1.39 1.83
N CYS B 23 -48.59 -1.88 2.77
CA CYS B 23 -48.24 -3.03 3.60
C CYS B 23 -49.50 -3.82 3.92
N ARG B 24 -49.43 -5.14 3.78
CA ARG B 24 -50.58 -5.99 4.02
C ARG B 24 -50.30 -7.07 5.06
N ALA B 25 -51.24 -7.24 5.99
CA ALA B 25 -51.14 -8.31 6.98
C ALA B 25 -52.04 -9.48 6.56
N SER B 26 -51.53 -10.70 6.76
CA SER B 26 -52.28 -11.90 6.37
C SER B 26 -53.55 -12.08 7.21
N GLN B 27 -53.58 -11.43 8.36
CA GLN B 27 -54.77 -11.42 9.20
C GLN B 27 -54.76 -10.20 10.12
N ASP B 28 -55.87 -10.01 10.84
CA ASP B 28 -56.04 -8.83 11.69
C ASP B 28 -54.93 -8.66 12.71
N ILE B 29 -54.25 -7.51 12.65
CA ILE B 29 -53.20 -7.18 13.61
C ILE B 29 -53.59 -5.93 14.39
N SER B 30 -54.89 -5.62 14.36
CA SER B 30 -55.44 -4.40 14.98
C SER B 30 -54.74 -3.17 14.40
N ASN B 31 -54.03 -2.44 15.26
CA ASN B 31 -53.25 -1.31 14.80
C ASN B 31 -51.80 -1.43 15.22
N PHE B 32 -51.38 -2.65 15.57
CA PHE B 32 -50.00 -2.90 15.95
C PHE B 32 -49.12 -3.01 14.70
N LEU B 33 -48.92 -1.87 14.04
CA LEU B 33 -48.16 -1.84 12.81
C LEU B 33 -47.16 -0.69 12.84
N ASN B 34 -45.87 -1.02 12.76
CA ASN B 34 -44.81 -0.02 12.83
C ASN B 34 -44.05 0.09 11.52
N TRP B 35 -43.46 1.25 11.29
CA TRP B 35 -42.65 1.48 10.09
C TRP B 35 -41.22 1.85 10.45
N TYR B 36 -40.26 1.22 9.77
CA TYR B 36 -38.86 1.50 10.00
C TYR B 36 -38.18 1.96 8.71
N GLN B 37 -37.19 2.83 8.85
CA GLN B 37 -36.43 3.33 7.72
C GLN B 37 -34.99 2.85 7.81
N GLN B 38 -34.53 2.18 6.75
CA GLN B 38 -33.13 1.77 6.69
C GLN B 38 -32.38 2.59 5.65
N LYS B 39 -31.35 3.31 6.11
CA LYS B 39 -30.50 4.11 5.23
C LYS B 39 -29.47 3.23 4.53
N PRO B 40 -28.91 3.70 3.41
CA PRO B 40 -27.89 2.92 2.69
C PRO B 40 -26.73 2.43 3.56
N ASP B 41 -26.38 3.17 4.61
CA ASP B 41 -25.25 2.80 5.45
C ASP B 41 -25.62 1.73 6.49
N GLY B 42 -26.88 1.28 6.46
CA GLY B 42 -27.32 0.19 7.31
C GLY B 42 -28.04 0.61 8.59
N THR B 43 -28.07 1.91 8.86
CA THR B 43 -28.73 2.41 10.06
C THR B 43 -30.25 2.25 9.95
N VAL B 44 -30.85 1.75 11.03
CA VAL B 44 -32.29 1.53 11.07
C VAL B 44 -32.92 2.41 12.14
N LYS B 45 -34.02 3.08 11.80
CA LYS B 45 -34.70 3.95 12.75
C LYS B 45 -36.20 3.82 12.68
N LEU B 46 -36.85 3.92 13.84
CA LEU B 46 -38.30 3.92 13.92
C LEU B 46 -38.87 5.23 13.36
N LEU B 47 -39.88 5.10 12.50
CA LEU B 47 -40.51 6.26 11.87
C LEU B 47 -41.94 6.45 12.35
N ILE B 48 -42.73 5.39 12.23
CA ILE B 48 -44.14 5.41 12.58
C ILE B 48 -44.44 4.23 13.50
N TYR B 49 -45.19 4.48 14.57
CA TYR B 49 -45.63 3.39 15.42
C TYR B 49 -47.15 3.39 15.55
N TYR B 50 -47.71 2.21 15.80
CA TYR B 50 -49.14 2.01 15.94
CA TYR B 50 -49.14 2.02 15.93
C TYR B 50 -49.90 2.65 14.77
N THR B 51 -49.56 2.20 13.56
CA THR B 51 -50.21 2.62 12.31
C THR B 51 -49.97 4.07 11.90
N SER B 52 -50.23 5.02 12.80
CA SER B 52 -50.28 6.42 12.39
C SER B 52 -49.53 7.39 13.30
N ARG B 53 -48.92 6.90 14.37
CA ARG B 53 -48.26 7.80 15.32
C ARG B 53 -46.83 8.11 14.90
N LEU B 54 -46.53 9.40 14.78
CA LEU B 54 -45.21 9.85 14.35
C LEU B 54 -44.22 9.81 15.50
N HIS B 55 -43.09 9.12 15.29
CA HIS B 55 -42.06 9.03 16.31
C HIS B 55 -41.36 10.37 16.47
N SER B 56 -40.88 10.65 17.68
CA SER B 56 -40.21 11.90 17.98
C SER B 56 -38.98 12.10 17.09
N GLY B 57 -38.88 13.29 16.50
CA GLY B 57 -37.75 13.62 15.65
C GLY B 57 -38.04 13.46 14.17
N VAL B 58 -39.04 12.65 13.83
CA VAL B 58 -39.39 12.38 12.45
C VAL B 58 -40.17 13.54 11.83
N PRO B 59 -39.73 14.01 10.64
CA PRO B 59 -40.37 15.10 9.91
C PRO B 59 -41.87 14.89 9.69
N SER B 60 -42.64 15.96 9.78
CA SER B 60 -44.10 15.88 9.74
C SER B 60 -44.63 15.46 8.37
N ARG B 61 -43.77 15.47 7.35
CA ARG B 61 -44.18 15.03 6.02
C ARG B 61 -44.46 13.53 5.99
N PHE B 62 -43.98 12.82 7.02
CA PHE B 62 -44.29 11.40 7.17
C PHE B 62 -45.62 11.20 7.88
N SER B 63 -46.43 10.29 7.35
CA SER B 63 -47.69 9.92 7.99
C SER B 63 -48.01 8.45 7.71
N GLY B 64 -48.93 7.90 8.50
CA GLY B 64 -49.35 6.52 8.32
C GLY B 64 -50.85 6.38 8.45
N SER B 65 -51.40 5.33 7.84
CA SER B 65 -52.83 5.04 7.93
C SER B 65 -53.06 3.54 7.77
N GLY B 66 -54.16 3.05 8.33
CA GLY B 66 -54.43 1.63 8.30
C GLY B 66 -55.90 1.25 8.33
N SER B 67 -56.18 -0.02 8.09
CA SER B 67 -57.56 -0.51 8.05
C SER B 67 -57.65 -1.96 8.49
N GLY B 68 -56.82 -2.34 9.47
CA GLY B 68 -56.86 -3.67 10.02
C GLY B 68 -55.91 -4.64 9.37
N THR B 69 -56.01 -4.77 8.04
CA THR B 69 -55.11 -5.63 7.28
C THR B 69 -54.39 -4.84 6.20
N ASP B 70 -54.94 -3.68 5.85
CA ASP B 70 -54.32 -2.79 4.87
C ASP B 70 -53.68 -1.59 5.55
N PHE B 71 -52.41 -1.34 5.26
CA PHE B 71 -51.69 -0.23 5.86
C PHE B 71 -50.88 0.53 4.81
N SER B 72 -50.57 1.79 5.12
CA SER B 72 -49.79 2.59 4.19
C SER B 72 -48.91 3.61 4.91
N LEU B 73 -47.74 3.86 4.34
CA LEU B 73 -46.85 4.91 4.79
C LEU B 73 -46.79 5.98 3.71
N THR B 74 -47.03 7.23 4.07
CA THR B 74 -47.08 8.30 3.07
C THR B 74 -46.06 9.41 3.34
N ILE B 75 -45.32 9.76 2.30
CA ILE B 75 -44.47 10.95 2.34
C ILE B 75 -45.14 12.03 1.49
N SER B 76 -45.58 13.11 2.13
CA SER B 76 -46.37 14.14 1.46
C SER B 76 -45.60 14.84 0.36
N LYS B 77 -44.33 15.12 0.61
CA LYS B 77 -43.46 15.77 -0.36
C LYS B 77 -42.06 15.18 -0.24
N LEU B 78 -41.71 14.33 -1.21
CA LEU B 78 -40.47 13.57 -1.16
C LEU B 78 -39.22 14.44 -1.19
N GLU B 79 -38.34 14.21 -0.21
CA GLU B 79 -37.05 14.88 -0.17
C GLU B 79 -35.95 13.86 -0.45
N GLN B 80 -34.75 14.34 -0.75
CA GLN B 80 -33.65 13.45 -1.12
C GLN B 80 -33.22 12.56 0.05
N GLU B 81 -33.30 13.09 1.26
CA GLU B 81 -32.88 12.33 2.43
C GLU B 81 -33.86 11.20 2.76
N ASP B 82 -34.99 11.17 2.05
CA ASP B 82 -35.99 10.13 2.23
C ASP B 82 -35.68 8.88 1.41
N ILE B 83 -34.72 9.00 0.50
CA ILE B 83 -34.29 7.85 -0.29
C ILE B 83 -33.67 6.81 0.63
N ALA B 84 -34.40 5.71 0.78
CA ALA B 84 -34.05 4.65 1.72
C ALA B 84 -34.94 3.44 1.50
N THR B 85 -34.82 2.44 2.36
CA THR B 85 -35.68 1.28 2.32
C THR B 85 -36.59 1.28 3.55
N TYR B 86 -37.88 1.03 3.32
CA TYR B 86 -38.87 1.10 4.39
C TYR B 86 -39.51 -0.26 4.65
N PHE B 87 -39.54 -0.65 5.92
CA PHE B 87 -40.12 -1.92 6.34
C PHE B 87 -41.30 -1.71 7.28
N CYS B 88 -42.36 -2.48 7.10
CA CYS B 88 -43.44 -2.50 8.08
C CYS B 88 -43.24 -3.68 9.03
N GLN B 89 -43.85 -3.60 10.21
CA GLN B 89 -43.70 -4.65 11.22
C GLN B 89 -44.95 -4.77 12.08
N GLN B 90 -45.44 -6.00 12.24
CA GLN B 90 -46.56 -6.23 13.14
C GLN B 90 -46.05 -6.63 14.52
N GLY B 91 -46.72 -6.14 15.55
CA GLY B 91 -46.33 -6.45 16.93
C GLY B 91 -47.50 -7.00 17.71
N ASN B 92 -48.48 -7.54 17.00
CA ASN B 92 -49.66 -8.09 17.65
C ASN B 92 -49.42 -9.51 18.16
N THR B 93 -48.59 -10.26 17.44
CA THR B 93 -48.46 -11.70 17.66
C THR B 93 -47.02 -12.18 17.54
N LEU B 94 -46.63 -13.08 18.44
CA LEU B 94 -45.35 -13.78 18.32
C LEU B 94 -45.48 -14.96 17.36
N PRO B 95 -44.49 -15.15 16.47
CA PRO B 95 -43.28 -14.34 16.34
C PRO B 95 -43.53 -13.02 15.60
N LEU B 96 -42.76 -12.00 15.95
CA LEU B 96 -42.84 -10.72 15.26
C LEU B 96 -42.38 -10.90 13.82
N THR B 97 -43.07 -10.25 12.88
CA THR B 97 -42.72 -10.39 11.48
C THR B 97 -42.67 -9.04 10.78
N PHE B 98 -41.88 -8.99 9.71
CA PHE B 98 -41.68 -7.77 8.94
C PHE B 98 -42.15 -7.95 7.49
N GLY B 99 -42.44 -6.83 6.83
CA GLY B 99 -42.62 -6.84 5.39
C GLY B 99 -41.24 -6.98 4.75
N ALA B 100 -41.22 -7.28 3.45
CA ALA B 100 -39.96 -7.52 2.75
C ALA B 100 -39.21 -6.23 2.45
N GLY B 101 -39.91 -5.09 2.59
CA GLY B 101 -39.27 -3.80 2.43
C GLY B 101 -39.48 -3.19 1.05
N THR B 102 -39.60 -1.87 1.02
CA THR B 102 -39.75 -1.14 -0.22
C THR B 102 -38.66 -0.08 -0.35
N LYS B 103 -37.87 -0.20 -1.41
CA LYS B 103 -36.76 0.70 -1.64
C LYS B 103 -37.19 1.84 -2.56
N LEU B 104 -36.93 3.08 -2.14
CA LEU B 104 -37.26 4.24 -2.95
C LEU B 104 -36.10 4.66 -3.84
N GLU B 105 -36.42 5.05 -5.07
CA GLU B 105 -35.43 5.61 -5.99
C GLU B 105 -36.03 6.81 -6.71
N LEU B 106 -35.19 7.58 -7.39
CA LEU B 106 -35.63 8.81 -8.02
C LEU B 106 -35.75 8.71 -9.53
N LYS B 107 -36.73 9.43 -10.08
CA LYS B 107 -36.86 9.55 -11.53
C LYS B 107 -36.07 10.74 -12.04
N ARG B 108 -35.63 10.65 -13.29
CA ARG B 108 -35.00 11.77 -13.97
C ARG B 108 -35.09 11.55 -15.47
N ALA B 109 -34.62 12.52 -16.25
CA ALA B 109 -34.65 12.40 -17.71
C ALA B 109 -33.65 11.35 -18.19
N GLU B 110 -33.92 10.78 -19.35
CA GLU B 110 -33.04 9.78 -19.93
C GLU B 110 -31.66 10.37 -20.23
N ALA B 111 -30.63 9.58 -20.01
CA ALA B 111 -29.27 10.01 -20.28
C ALA B 111 -28.45 8.86 -20.87
N ALA B 112 -27.75 9.14 -21.96
CA ALA B 112 -26.91 8.13 -22.60
C ALA B 112 -25.63 7.92 -21.80
N PRO B 113 -25.14 6.67 -21.76
CA PRO B 113 -23.92 6.35 -21.00
C PRO B 113 -22.65 6.87 -21.65
N THR B 114 -21.67 7.22 -20.82
CA THR B 114 -20.33 7.54 -21.30
C THR B 114 -19.47 6.30 -21.14
N VAL B 115 -18.91 5.82 -22.26
CA VAL B 115 -18.27 4.52 -22.29
C VAL B 115 -16.75 4.60 -22.43
N SER B 116 -16.05 3.87 -21.56
CA SER B 116 -14.60 3.81 -21.59
C SER B 116 -14.12 2.36 -21.49
N ILE B 117 -13.19 1.97 -22.35
CA ILE B 117 -12.66 0.61 -22.31
C ILE B 117 -11.22 0.62 -21.81
N PHE B 118 -10.86 -0.42 -21.06
CA PHE B 118 -9.54 -0.50 -20.45
C PHE B 118 -8.93 -1.88 -20.63
N PRO B 119 -7.80 -1.94 -21.36
CA PRO B 119 -7.06 -3.20 -21.51
C PRO B 119 -6.56 -3.68 -20.16
N PRO B 120 -6.21 -4.97 -20.05
CA PRO B 120 -5.58 -5.45 -18.82
C PRO B 120 -4.34 -4.64 -18.50
N SER B 121 -4.12 -4.34 -17.23
CA SER B 121 -2.89 -3.70 -16.82
C SER B 121 -1.73 -4.64 -17.07
N SER B 122 -0.55 -4.08 -17.32
CA SER B 122 0.65 -4.90 -17.47
C SER B 122 0.91 -5.69 -16.19
N GLU B 123 0.52 -5.11 -15.06
CA GLU B 123 0.66 -5.76 -13.76
C GLU B 123 -0.14 -7.05 -13.67
N GLN B 124 -1.40 -7.00 -14.09
CA GLN B 124 -2.27 -8.17 -14.00
C GLN B 124 -1.77 -9.31 -14.87
N LEU B 125 -1.22 -8.98 -16.03
CA LEU B 125 -0.73 -9.99 -16.95
C LEU B 125 0.36 -10.84 -16.30
N THR B 126 1.14 -10.23 -15.40
CA THR B 126 2.18 -10.95 -14.69
C THR B 126 1.60 -12.04 -13.78
N SER B 127 0.31 -11.97 -13.52
CA SER B 127 -0.35 -12.92 -12.62
C SER B 127 -0.91 -14.13 -13.36
N GLY B 128 -0.95 -14.06 -14.69
CA GLY B 128 -1.49 -15.15 -15.48
C GLY B 128 -2.96 -14.94 -15.79
N GLY B 129 -3.49 -13.80 -15.36
CA GLY B 129 -4.87 -13.45 -15.64
C GLY B 129 -4.96 -12.17 -16.44
N ALA B 130 -6.12 -11.92 -17.04
CA ALA B 130 -6.31 -10.73 -17.85
C ALA B 130 -7.76 -10.26 -17.80
N SER B 131 -7.97 -9.06 -17.25
CA SER B 131 -9.30 -8.48 -17.16
C SER B 131 -9.44 -7.27 -18.07
N VAL B 132 -10.41 -7.31 -18.97
CA VAL B 132 -10.72 -6.15 -19.79
C VAL B 132 -11.95 -5.47 -19.20
N VAL B 133 -11.83 -4.18 -18.92
CA VAL B 133 -12.88 -3.46 -18.20
C VAL B 133 -13.55 -2.40 -19.04
N CYS B 134 -14.87 -2.36 -18.99
CA CYS B 134 -15.66 -1.35 -19.68
CA CYS B 134 -15.65 -1.33 -19.67
C CYS B 134 -16.55 -0.60 -18.69
N PHE B 135 -16.36 0.71 -18.59
CA PHE B 135 -17.21 1.53 -17.72
C PHE B 135 -18.32 2.16 -18.54
N LEU B 136 -19.55 2.01 -18.06
CA LEU B 136 -20.72 2.65 -18.66
C LEU B 136 -21.27 3.62 -17.63
N ASN B 137 -20.94 4.90 -17.78
CA ASN B 137 -21.15 5.85 -16.69
C ASN B 137 -22.25 6.88 -16.90
N ASN B 138 -22.95 7.18 -15.81
CA ASN B 138 -23.94 8.25 -15.74
C ASN B 138 -25.04 8.15 -16.79
N PHE B 139 -25.83 7.08 -16.74
CA PHE B 139 -26.93 6.92 -17.66
C PHE B 139 -28.26 6.75 -16.92
N TYR B 140 -29.35 6.85 -17.66
CA TYR B 140 -30.69 6.61 -17.11
C TYR B 140 -31.63 6.28 -18.27
N PRO B 141 -32.48 5.26 -18.09
CA PRO B 141 -32.71 4.46 -16.89
C PRO B 141 -31.65 3.38 -16.67
N LYS B 142 -31.85 2.57 -15.63
CA LYS B 142 -30.86 1.60 -15.20
C LYS B 142 -30.66 0.46 -16.19
N ASP B 143 -31.71 0.13 -16.94
CA ASP B 143 -31.65 -0.95 -17.92
C ASP B 143 -30.64 -0.64 -19.02
N ILE B 144 -29.71 -1.56 -19.25
CA ILE B 144 -28.70 -1.38 -20.27
C ILE B 144 -28.11 -2.73 -20.69
N ASN B 145 -27.57 -2.78 -21.91
CA ASN B 145 -26.99 -4.01 -22.43
C ASN B 145 -25.56 -3.81 -22.91
N VAL B 146 -24.69 -4.75 -22.59
CA VAL B 146 -23.31 -4.69 -23.05
C VAL B 146 -22.93 -5.97 -23.81
N LYS B 147 -22.27 -5.80 -24.95
CA LYS B 147 -21.82 -6.94 -25.74
C LYS B 147 -20.31 -6.88 -25.91
N TRP B 148 -19.65 -8.00 -25.67
CA TRP B 148 -18.20 -8.11 -25.86
C TRP B 148 -17.85 -8.83 -27.16
N LYS B 149 -16.92 -8.26 -27.91
CA LYS B 149 -16.44 -8.90 -29.13
C LYS B 149 -14.93 -9.06 -29.07
N ILE B 150 -14.47 -10.26 -29.41
CA ILE B 150 -13.04 -10.55 -29.47
C ILE B 150 -12.68 -10.98 -30.89
N ASP B 151 -11.77 -10.24 -31.53
CA ASP B 151 -11.39 -10.49 -32.91
C ASP B 151 -12.61 -10.56 -33.83
N GLY B 152 -13.58 -9.68 -33.58
CA GLY B 152 -14.78 -9.61 -34.41
C GLY B 152 -15.84 -10.64 -34.08
N SER B 153 -15.60 -11.45 -33.06
CA SER B 153 -16.53 -12.50 -32.67
C SER B 153 -17.08 -12.27 -31.27
N GLU B 154 -18.39 -12.43 -31.10
CA GLU B 154 -19.04 -12.17 -29.82
C GLU B 154 -18.56 -13.12 -28.72
N ARG B 155 -18.34 -12.57 -27.54
CA ARG B 155 -17.88 -13.33 -26.39
C ARG B 155 -18.82 -13.13 -25.21
N GLN B 156 -19.35 -14.24 -24.66
CA GLN B 156 -20.31 -14.15 -23.58
C GLN B 156 -19.77 -14.72 -22.27
N ASN B 157 -18.92 -15.74 -22.36
CA ASN B 157 -18.33 -16.34 -21.18
C ASN B 157 -17.26 -15.46 -20.54
N GLY B 158 -17.28 -15.38 -19.21
CA GLY B 158 -16.28 -14.64 -18.47
C GLY B 158 -16.64 -13.19 -18.21
N VAL B 159 -17.90 -12.83 -18.45
CA VAL B 159 -18.34 -11.46 -18.28
C VAL B 159 -19.13 -11.28 -16.98
N LEU B 160 -18.74 -10.28 -16.20
CA LEU B 160 -19.45 -9.91 -14.98
C LEU B 160 -19.83 -8.43 -15.00
N ASN B 161 -21.09 -8.13 -14.67
CA ASN B 161 -21.60 -6.77 -14.70
C ASN B 161 -22.05 -6.31 -13.32
N SER B 162 -21.63 -5.11 -12.93
CA SER B 162 -22.01 -4.55 -11.63
C SER B 162 -22.55 -3.13 -11.77
N TRP B 163 -23.78 -2.94 -11.30
CA TRP B 163 -24.43 -1.63 -11.28
C TRP B 163 -24.19 -0.90 -9.97
N THR B 164 -23.92 0.39 -10.04
CA THR B 164 -23.88 1.20 -8.83
C THR B 164 -25.29 1.44 -8.33
N ASP B 165 -25.40 1.84 -7.07
CA ASP B 165 -26.66 2.39 -6.57
C ASP B 165 -26.86 3.72 -7.25
N GLN B 166 -28.10 4.22 -7.27
CA GLN B 166 -28.40 5.48 -7.92
C GLN B 166 -27.54 6.61 -7.34
N ASP B 167 -26.92 7.40 -8.22
CA ASP B 167 -26.01 8.45 -7.79
C ASP B 167 -26.76 9.49 -6.96
N SER B 168 -26.19 9.84 -5.81
CA SER B 168 -26.87 10.73 -4.88
C SER B 168 -26.86 12.18 -5.35
N LYS B 169 -26.13 12.45 -6.43
CA LYS B 169 -26.09 13.80 -6.98
C LYS B 169 -27.03 13.95 -8.18
N ASP B 170 -26.73 13.25 -9.26
CA ASP B 170 -27.48 13.46 -10.51
C ASP B 170 -28.50 12.38 -10.83
N SER B 171 -28.70 11.45 -9.89
CA SER B 171 -29.72 10.40 -10.01
C SER B 171 -29.53 9.49 -11.22
N THR B 172 -28.30 9.41 -11.73
CA THR B 172 -28.01 8.48 -12.82
C THR B 172 -27.50 7.16 -12.26
N TYR B 173 -27.31 6.20 -13.16
CA TYR B 173 -26.68 4.94 -12.79
C TYR B 173 -25.39 4.77 -13.57
N SER B 174 -24.51 3.91 -13.06
CA SER B 174 -23.31 3.52 -13.77
C SER B 174 -23.14 2.02 -13.66
N MET B 175 -22.50 1.41 -14.66
CA MET B 175 -22.27 -0.02 -14.64
C MET B 175 -20.88 -0.35 -15.15
N SER B 176 -20.25 -1.32 -14.50
CA SER B 176 -18.95 -1.81 -14.93
C SER B 176 -19.10 -3.21 -15.53
N SER B 177 -18.58 -3.40 -16.74
CA SER B 177 -18.59 -4.72 -17.37
C SER B 177 -17.16 -5.22 -17.48
N THR B 178 -16.90 -6.39 -16.91
CA THR B 178 -15.54 -6.92 -16.89
C THR B 178 -15.45 -8.29 -17.54
N LEU B 179 -14.65 -8.37 -18.59
CA LEU B 179 -14.37 -9.64 -19.26
C LEU B 179 -13.04 -10.19 -18.73
N THR B 180 -13.10 -11.33 -18.06
CA THR B 180 -11.90 -11.91 -17.47
C THR B 180 -11.45 -13.18 -18.19
N LEU B 181 -10.22 -13.16 -18.69
CA LEU B 181 -9.65 -14.28 -19.41
C LEU B 181 -8.35 -14.71 -18.74
N THR B 182 -7.78 -15.83 -19.17
CA THR B 182 -6.43 -16.18 -18.78
C THR B 182 -5.47 -15.30 -19.57
N LYS B 183 -4.23 -15.19 -19.09
CA LYS B 183 -3.20 -14.46 -19.82
C LYS B 183 -2.98 -15.08 -21.19
N ASP B 184 -2.88 -16.41 -21.22
CA ASP B 184 -2.62 -17.13 -22.46
C ASP B 184 -3.73 -16.89 -23.49
N GLU B 185 -4.98 -16.95 -23.06
CA GLU B 185 -6.09 -16.74 -23.98
C GLU B 185 -6.15 -15.29 -24.46
N TYR B 186 -5.86 -14.35 -23.57
CA TYR B 186 -5.84 -12.94 -23.93
C TYR B 186 -4.79 -12.67 -25.02
N GLU B 187 -3.68 -13.38 -24.95
CA GLU B 187 -2.58 -13.16 -25.88
C GLU B 187 -2.73 -13.99 -27.15
N ARG B 188 -3.81 -14.75 -27.25
CA ARG B 188 -4.11 -15.49 -28.48
C ARG B 188 -5.13 -14.71 -29.31
N HIS B 189 -5.39 -13.47 -28.91
CA HIS B 189 -6.31 -12.59 -29.62
C HIS B 189 -5.77 -11.17 -29.64
N ASN B 190 -6.27 -10.35 -30.56
CA ASN B 190 -5.75 -9.00 -30.73
C ASN B 190 -6.77 -7.89 -30.50
N SER B 191 -7.94 -8.00 -31.12
CA SER B 191 -8.95 -6.96 -31.02
C SER B 191 -9.97 -7.24 -29.92
N TYR B 192 -10.19 -6.24 -29.07
CA TYR B 192 -11.15 -6.36 -27.98
C TYR B 192 -12.12 -5.19 -28.02
N THR B 193 -13.41 -5.51 -28.03
CA THR B 193 -14.44 -4.49 -28.22
C THR B 193 -15.61 -4.64 -27.25
N CYS B 194 -16.05 -3.53 -26.67
CA CYS B 194 -17.22 -3.49 -25.81
CA CYS B 194 -17.25 -3.55 -25.86
C CYS B 194 -18.30 -2.62 -26.46
N GLU B 195 -19.51 -3.12 -26.56
CA GLU B 195 -20.61 -2.39 -27.20
C GLU B 195 -21.77 -2.17 -26.26
N ALA B 196 -22.10 -0.90 -26.01
CA ALA B 196 -23.17 -0.55 -25.09
C ALA B 196 -24.44 -0.17 -25.84
N THR B 197 -25.54 -0.81 -25.49
CA THR B 197 -26.83 -0.49 -26.10
C THR B 197 -27.81 0.01 -25.06
N HIS B 198 -28.27 1.24 -25.23
CA HIS B 198 -29.16 1.89 -24.28
C HIS B 198 -30.34 2.50 -25.03
N LYS B 199 -31.48 2.65 -24.35
CA LYS B 199 -32.70 3.11 -24.99
C LYS B 199 -32.57 4.52 -25.55
N THR B 200 -31.53 5.23 -25.14
CA THR B 200 -31.29 6.60 -25.60
C THR B 200 -30.91 6.67 -27.08
N SER B 201 -30.58 5.52 -27.66
CA SER B 201 -30.21 5.46 -29.08
C SER B 201 -30.33 4.06 -29.65
N THR B 202 -30.70 3.98 -30.93
CA THR B 202 -30.78 2.70 -31.63
C THR B 202 -29.38 2.22 -31.98
N SER B 203 -28.45 3.17 -32.08
CA SER B 203 -27.06 2.85 -32.37
C SER B 203 -26.28 2.60 -31.08
N PRO B 204 -25.63 1.43 -30.98
CA PRO B 204 -24.80 1.13 -29.81
C PRO B 204 -23.55 1.98 -29.75
N ILE B 205 -23.03 2.20 -28.54
CA ILE B 205 -21.78 2.92 -28.36
C ILE B 205 -20.63 1.92 -28.31
N VAL B 206 -19.65 2.10 -29.18
CA VAL B 206 -18.60 1.10 -29.36
C VAL B 206 -17.21 1.63 -29.00
N LYS B 207 -16.55 0.96 -28.06
CA LYS B 207 -15.19 1.28 -27.70
C LYS B 207 -14.30 0.05 -27.86
N SER B 208 -13.13 0.23 -28.47
CA SER B 208 -12.27 -0.90 -28.81
C SER B 208 -10.79 -0.56 -28.69
N PHE B 209 -9.95 -1.60 -28.70
CA PHE B 209 -8.50 -1.44 -28.73
C PHE B 209 -7.85 -2.69 -29.32
N ASN B 210 -6.63 -2.54 -29.81
CA ASN B 210 -5.84 -3.67 -30.28
C ASN B 210 -4.68 -3.98 -29.33
N ARG B 211 -4.57 -5.25 -28.95
CA ARG B 211 -3.57 -5.70 -27.99
C ARG B 211 -2.13 -5.38 -28.42
N ASN B 212 -1.85 -5.61 -29.71
CA ASN B 212 -0.50 -5.41 -30.23
C ASN B 212 -0.04 -3.96 -30.19
N GLU B 213 -1.01 -3.05 -30.10
CA GLU B 213 -0.72 -1.62 -30.13
C GLU B 213 -1.58 -0.85 -29.15
N GLU C 1 -27.00 9.58 25.04
CA GLU C 1 -28.20 8.98 24.45
C GLU C 1 -28.06 7.46 24.43
N VAL C 2 -29.19 6.77 24.36
CA VAL C 2 -29.21 5.32 24.23
C VAL C 2 -28.31 4.89 23.08
N GLN C 3 -27.45 3.90 23.34
CA GLN C 3 -26.61 3.34 22.30
C GLN C 3 -26.56 1.81 22.40
N LEU C 4 -26.70 1.15 21.26
CA LEU C 4 -26.49 -0.28 21.16
C LEU C 4 -25.28 -0.52 20.26
N GLN C 5 -24.19 -0.99 20.85
CA GLN C 5 -22.93 -1.15 20.13
C GLN C 5 -22.61 -2.61 19.84
N GLN C 6 -22.69 -2.99 18.57
CA GLN C 6 -22.49 -4.39 18.19
C GLN C 6 -21.04 -4.68 17.84
N SER C 7 -20.67 -5.95 17.93
CA SER C 7 -19.32 -6.38 17.61
C SER C 7 -19.07 -6.36 16.10
N GLY C 8 -17.80 -6.48 15.71
CA GLY C 8 -17.40 -6.32 14.32
C GLY C 8 -17.77 -7.45 13.40
N PRO C 9 -17.49 -7.27 12.10
CA PRO C 9 -17.81 -8.28 11.07
C PRO C 9 -17.11 -9.61 11.33
N GLU C 10 -17.79 -10.71 10.99
CA GLU C 10 -17.25 -12.04 11.22
C GLU C 10 -17.20 -12.86 9.93
N LEU C 11 -16.11 -13.59 9.75
CA LEU C 11 -16.00 -14.59 8.70
C LEU C 11 -15.84 -15.97 9.33
N VAL C 12 -16.75 -16.88 9.02
CA VAL C 12 -16.74 -18.22 9.61
C VAL C 12 -16.98 -19.29 8.55
N LYS C 13 -16.27 -20.41 8.67
CA LYS C 13 -16.43 -21.53 7.74
C LYS C 13 -17.75 -22.27 7.96
N PRO C 14 -18.30 -22.86 6.89
CA PRO C 14 -19.55 -23.62 7.00
C PRO C 14 -19.46 -24.73 8.04
N GLY C 15 -20.53 -24.90 8.81
CA GLY C 15 -20.58 -25.94 9.82
C GLY C 15 -20.14 -25.48 11.20
N ALA C 16 -19.41 -24.37 11.24
CA ALA C 16 -18.88 -23.85 12.50
C ALA C 16 -19.89 -22.94 13.19
N SER C 17 -19.47 -22.31 14.29
CA SER C 17 -20.33 -21.43 15.06
C SER C 17 -19.72 -20.04 15.22
N VAL C 18 -20.54 -19.09 15.64
CA VAL C 18 -20.08 -17.73 15.89
C VAL C 18 -20.92 -17.10 17.02
N LYS C 19 -20.29 -16.23 17.80
CA LYS C 19 -20.98 -15.53 18.88
C LYS C 19 -20.77 -14.04 18.76
N ILE C 20 -21.85 -13.31 18.52
CA ILE C 20 -21.76 -11.87 18.34
C ILE C 20 -22.39 -11.13 19.51
N SER C 21 -21.97 -9.89 19.75
CA SER C 21 -22.40 -9.19 20.95
C SER C 21 -23.07 -7.85 20.68
N CYS C 22 -23.84 -7.39 21.66
CA CYS C 22 -24.53 -6.12 21.61
C CYS C 22 -24.44 -5.45 22.97
N LYS C 23 -23.62 -4.40 23.07
CA LYS C 23 -23.40 -3.73 24.34
C LYS C 23 -24.28 -2.49 24.46
N ALA C 24 -25.13 -2.47 25.49
CA ALA C 24 -26.08 -1.37 25.66
C ALA C 24 -25.54 -0.34 26.65
N SER C 25 -25.83 0.92 26.37
CA SER C 25 -25.47 2.02 27.26
C SER C 25 -26.51 3.12 27.17
N GLY C 26 -26.52 4.01 28.17
CA GLY C 26 -27.40 5.17 28.15
C GLY C 26 -28.80 4.90 28.67
N TYR C 27 -29.00 3.72 29.25
CA TYR C 27 -30.26 3.40 29.91
C TYR C 27 -30.08 2.23 30.87
N THR C 28 -31.13 1.96 31.65
CA THR C 28 -31.10 0.82 32.57
C THR C 28 -31.38 -0.47 31.80
N PHE C 29 -30.34 -1.29 31.66
CA PHE C 29 -30.36 -2.47 30.80
C PHE C 29 -31.58 -3.37 31.02
N THR C 30 -31.99 -3.54 32.28
CA THR C 30 -33.07 -4.47 32.59
C THR C 30 -34.46 -3.91 32.27
N ASP C 31 -34.53 -2.64 31.89
CA ASP C 31 -35.81 -2.01 31.59
C ASP C 31 -36.37 -2.44 30.24
N TYR C 32 -35.54 -3.06 29.42
CA TYR C 32 -35.94 -3.40 28.06
C TYR C 32 -35.54 -4.81 27.67
N TYR C 33 -36.42 -5.49 26.94
CA TYR C 33 -36.03 -6.71 26.23
C TYR C 33 -34.93 -6.37 25.22
N MET C 34 -34.01 -7.30 25.01
CA MET C 34 -33.12 -7.18 23.86
C MET C 34 -33.55 -8.20 22.82
N ASN C 35 -33.63 -7.76 21.57
CA ASN C 35 -34.00 -8.61 20.46
C ASN C 35 -32.88 -8.76 19.48
N TRP C 36 -32.95 -9.81 18.67
CA TRP C 36 -32.05 -9.95 17.53
C TRP C 36 -32.86 -10.11 16.26
N VAL C 37 -32.40 -9.44 15.20
CA VAL C 37 -33.11 -9.38 13.93
C VAL C 37 -32.15 -9.69 12.78
N LYS C 38 -32.59 -10.51 11.83
CA LYS C 38 -31.76 -10.90 10.70
C LYS C 38 -32.19 -10.19 9.42
N LEU C 39 -31.23 -9.63 8.69
CA LEU C 39 -31.50 -9.04 7.38
C LEU C 39 -30.72 -9.76 6.30
N SER C 40 -31.42 -10.50 5.44
CA SER C 40 -30.78 -11.28 4.40
C SER C 40 -31.38 -11.01 3.02
N HIS C 41 -30.67 -11.44 1.98
CA HIS C 41 -31.15 -11.24 0.62
C HIS C 41 -32.33 -12.17 0.33
N GLY C 42 -32.28 -13.37 0.89
CA GLY C 42 -33.29 -14.38 0.62
C GLY C 42 -34.63 -14.17 1.33
N LYS C 43 -34.58 -13.65 2.56
CA LYS C 43 -35.80 -13.54 3.38
C LYS C 43 -35.99 -12.19 4.05
N SER C 44 -35.24 -11.18 3.59
CA SER C 44 -35.35 -9.81 4.12
C SER C 44 -35.19 -9.75 5.63
N LEU C 45 -36.10 -9.06 6.31
CA LEU C 45 -36.04 -8.89 7.76
C LEU C 45 -36.79 -9.98 8.53
N GLU C 46 -36.09 -10.65 9.43
CA GLU C 46 -36.69 -11.68 10.28
C GLU C 46 -36.36 -11.48 11.75
N TRP C 47 -37.37 -11.64 12.61
CA TRP C 47 -37.17 -11.57 14.05
C TRP C 47 -36.70 -12.92 14.58
N ILE C 48 -35.55 -12.93 15.23
CA ILE C 48 -34.95 -14.18 15.71
C ILE C 48 -35.49 -14.57 17.08
N GLY C 49 -35.57 -13.59 17.99
CA GLY C 49 -36.05 -13.85 19.34
C GLY C 49 -35.68 -12.73 20.29
N ASP C 50 -36.18 -12.80 21.53
CA ASP C 50 -35.82 -11.82 22.55
C ASP C 50 -35.30 -12.46 23.82
N ILE C 51 -34.77 -11.64 24.71
CA ILE C 51 -34.29 -12.12 26.00
C ILE C 51 -34.52 -11.06 27.08
N VAL C 52 -34.92 -11.54 28.26
CA VAL C 52 -35.08 -10.69 29.44
C VAL C 52 -33.76 -10.58 30.18
N PRO C 53 -33.15 -9.38 30.16
CA PRO C 53 -31.82 -9.20 30.76
C PRO C 53 -31.76 -9.54 32.25
N ASN C 54 -32.85 -9.29 32.97
CA ASN C 54 -32.85 -9.49 34.42
C ASN C 54 -32.65 -10.95 34.83
N ASN C 55 -33.17 -11.89 34.04
CA ASN C 55 -33.09 -13.29 34.42
C ASN C 55 -32.67 -14.23 33.29
N GLY C 56 -32.52 -13.69 32.09
CA GLY C 56 -32.06 -14.48 30.96
C GLY C 56 -33.14 -15.31 30.28
N ASP C 57 -34.39 -15.07 30.65
CA ASP C 57 -35.52 -15.76 30.01
C ASP C 57 -35.58 -15.42 28.53
N THR C 58 -35.70 -16.45 27.70
CA THR C 58 -35.67 -16.28 26.25
C THR C 58 -36.97 -16.69 25.56
N THR C 59 -37.27 -16.01 24.46
CA THR C 59 -38.36 -16.38 23.58
C THR C 59 -37.82 -16.43 22.15
N TYR C 60 -38.04 -17.54 21.46
CA TYR C 60 -37.49 -17.71 20.11
C TYR C 60 -38.54 -17.79 19.01
N ASN C 61 -38.19 -17.24 17.86
CA ASN C 61 -38.85 -17.59 16.61
C ASN C 61 -38.52 -19.05 16.33
N GLN C 62 -39.54 -19.89 16.23
CA GLN C 62 -39.33 -21.34 16.07
C GLN C 62 -38.43 -21.65 14.88
N ASN C 63 -38.49 -20.80 13.85
CA ASN C 63 -37.65 -20.95 12.67
C ASN C 63 -36.16 -20.86 13.00
N PHE C 64 -35.82 -20.24 14.13
CA PHE C 64 -34.43 -20.08 14.52
C PHE C 64 -34.07 -20.96 15.71
N ARG C 65 -35.03 -21.73 16.20
CA ARG C 65 -34.76 -22.69 17.25
C ARG C 65 -33.83 -23.77 16.70
N GLY C 66 -32.69 -23.97 17.37
CA GLY C 66 -31.70 -24.92 16.90
C GLY C 66 -30.63 -24.25 16.05
N LYS C 67 -30.81 -22.95 15.83
CA LYS C 67 -29.85 -22.16 15.08
C LYS C 67 -29.23 -21.10 15.97
N ALA C 68 -30.09 -20.33 16.65
CA ALA C 68 -29.65 -19.20 17.46
C ALA C 68 -29.86 -19.45 18.95
N THR C 69 -28.88 -19.05 19.75
CA THR C 69 -28.98 -19.08 21.21
C THR C 69 -28.71 -17.71 21.79
N LEU C 70 -29.67 -17.19 22.56
CA LEU C 70 -29.52 -15.86 23.15
C LEU C 70 -29.10 -15.96 24.62
N THR C 71 -28.12 -15.15 24.99
CA THR C 71 -27.69 -15.03 26.39
C THR C 71 -27.44 -13.58 26.76
N VAL C 72 -27.33 -13.30 28.05
CA VAL C 72 -27.01 -11.96 28.51
C VAL C 72 -26.02 -11.97 29.66
N ASP C 73 -25.23 -10.90 29.75
CA ASP C 73 -24.42 -10.63 30.93
C ASP C 73 -24.81 -9.25 31.43
N LYS C 74 -25.77 -9.19 32.35
CA LYS C 74 -26.36 -7.90 32.74
C LYS C 74 -25.36 -7.04 33.50
N SER C 75 -24.36 -7.66 34.12
CA SER C 75 -23.34 -6.91 34.85
C SER C 75 -22.53 -6.03 33.91
N SER C 76 -22.44 -6.44 32.65
CA SER C 76 -21.72 -5.66 31.64
C SER C 76 -22.66 -5.07 30.60
N SER C 77 -23.96 -5.22 30.85
CA SER C 77 -25.01 -4.70 29.96
C SER C 77 -24.82 -5.17 28.52
N THR C 78 -24.44 -6.44 28.35
CA THR C 78 -24.17 -6.99 27.03
C THR C 78 -25.06 -8.19 26.71
N ALA C 79 -25.70 -8.15 25.55
CA ALA C 79 -26.46 -9.29 25.05
C ALA C 79 -25.63 -10.06 24.02
N TYR C 80 -25.85 -11.36 23.93
CA TYR C 80 -25.10 -12.20 23.00
C TYR C 80 -26.03 -13.07 22.15
N MET C 81 -25.63 -13.30 20.91
CA MET C 81 -26.29 -14.32 20.11
C MET C 81 -25.27 -15.27 19.50
N GLU C 82 -25.49 -16.55 19.71
CA GLU C 82 -24.62 -17.57 19.14
C GLU C 82 -25.36 -18.32 18.04
N LEU C 83 -24.75 -18.36 16.86
CA LEU C 83 -25.32 -19.07 15.72
C LEU C 83 -24.49 -20.31 15.43
N ARG C 84 -25.16 -21.46 15.33
CA ARG C 84 -24.46 -22.73 15.12
C ARG C 84 -24.76 -23.34 13.76
N SER C 85 -23.95 -24.32 13.37
CA SER C 85 -24.12 -25.07 12.12
C SER C 85 -24.29 -24.15 10.92
N LEU C 86 -23.38 -23.19 10.79
CA LEU C 86 -23.52 -22.10 9.84
C LEU C 86 -23.49 -22.55 8.38
N THR C 87 -24.36 -21.94 7.59
CA THR C 87 -24.47 -22.21 6.16
C THR C 87 -24.55 -20.91 5.38
N SER C 88 -24.65 -21.00 4.06
CA SER C 88 -24.76 -19.81 3.22
C SER C 88 -25.95 -18.93 3.57
N GLU C 89 -27.07 -19.54 3.92
CA GLU C 89 -28.29 -18.80 4.20
C GLU C 89 -28.18 -18.03 5.52
N ASP C 90 -27.13 -18.30 6.28
CA ASP C 90 -26.86 -17.58 7.52
C ASP C 90 -26.05 -16.31 7.28
N SER C 91 -25.43 -16.21 6.11
CA SER C 91 -24.75 -14.97 5.72
C SER C 91 -25.78 -13.86 5.64
N ALA C 92 -25.58 -12.83 6.45
CA ALA C 92 -26.57 -11.75 6.59
C ALA C 92 -26.03 -10.66 7.49
N VAL C 93 -26.83 -9.60 7.64
CA VAL C 93 -26.55 -8.59 8.65
C VAL C 93 -27.46 -8.85 9.84
N TYR C 94 -26.87 -8.90 11.04
CA TYR C 94 -27.63 -9.15 12.25
C TYR C 94 -27.70 -7.91 13.12
N TYR C 95 -28.92 -7.55 13.50
CA TYR C 95 -29.16 -6.39 14.36
C TYR C 95 -29.61 -6.82 15.76
N CYS C 96 -29.18 -6.05 16.76
CA CYS C 96 -29.84 -6.10 18.05
C CYS C 96 -30.74 -4.88 18.14
N ALA C 97 -31.89 -5.02 18.81
CA ALA C 97 -32.82 -3.92 18.98
C ALA C 97 -33.62 -4.13 20.25
N ARG C 98 -33.96 -3.03 20.93
CA ARG C 98 -34.68 -3.14 22.19
C ARG C 98 -36.16 -2.79 22.05
N PHE C 99 -36.98 -3.34 22.95
CA PHE C 99 -38.31 -2.79 23.18
C PHE C 99 -38.73 -3.01 24.64
N SER C 100 -39.75 -2.29 25.08
CA SER C 100 -40.24 -2.40 26.44
C SER C 100 -41.00 -3.71 26.64
N ASN C 101 -41.70 -4.14 25.60
CA ASN C 101 -42.43 -5.41 25.56
C ASN C 101 -42.79 -5.65 24.09
N TYR C 102 -43.24 -6.86 23.73
CA TYR C 102 -43.24 -7.20 22.31
C TYR C 102 -44.34 -6.51 21.50
N VAL C 103 -45.28 -5.86 22.18
CA VAL C 103 -46.28 -5.06 21.48
C VAL C 103 -45.79 -3.63 21.24
N TYR C 104 -44.60 -3.33 21.72
CA TYR C 104 -44.03 -1.99 21.60
C TYR C 104 -42.94 -1.97 20.52
N PRO C 105 -42.74 -0.81 19.88
CA PRO C 105 -41.82 -0.77 18.73
C PRO C 105 -40.34 -0.89 19.11
N PHE C 106 -39.52 -1.29 18.16
CA PHE C 106 -38.07 -1.32 18.32
C PHE C 106 -37.56 0.11 18.22
N ASP C 107 -37.43 0.81 19.35
CA ASP C 107 -37.15 2.24 19.29
C ASP C 107 -35.66 2.57 19.17
N TYR C 108 -34.80 1.60 19.46
CA TYR C 108 -33.35 1.76 19.25
C TYR C 108 -32.72 0.49 18.70
N TRP C 109 -31.89 0.66 17.66
CA TRP C 109 -31.24 -0.45 16.97
C TRP C 109 -29.72 -0.33 17.06
N GLY C 110 -29.04 -1.48 17.06
CA GLY C 110 -27.60 -1.50 16.92
C GLY C 110 -27.22 -1.18 15.48
N GLN C 111 -25.93 -1.04 15.20
CA GLN C 111 -25.49 -0.64 13.86
C GLN C 111 -25.42 -1.83 12.90
N GLY C 112 -25.65 -3.02 13.44
CA GLY C 112 -25.62 -4.22 12.63
C GLY C 112 -24.26 -4.90 12.64
N THR C 113 -24.27 -6.22 12.51
CA THR C 113 -23.06 -7.03 12.41
C THR C 113 -23.15 -7.93 11.18
N THR C 114 -22.19 -7.78 10.27
CA THR C 114 -22.21 -8.58 9.06
C THR C 114 -21.52 -9.93 9.23
N LEU C 115 -22.26 -10.99 8.98
CA LEU C 115 -21.71 -12.33 9.02
C LEU C 115 -21.54 -12.89 7.60
N THR C 116 -20.35 -13.41 7.32
CA THR C 116 -20.09 -14.11 6.07
C THR C 116 -19.73 -15.55 6.36
N VAL C 117 -20.52 -16.47 5.81
CA VAL C 117 -20.22 -17.89 5.95
C VAL C 117 -19.68 -18.41 4.62
N SER C 118 -18.41 -18.80 4.62
CA SER C 118 -17.76 -19.28 3.41
C SER C 118 -16.51 -20.09 3.72
N SER C 119 -16.15 -21.00 2.82
CA SER C 119 -14.92 -21.77 2.94
C SER C 119 -13.72 -20.99 2.41
N ALA C 120 -14.00 -19.87 1.73
CA ALA C 120 -12.95 -19.03 1.18
C ALA C 120 -12.12 -18.40 2.30
N LYS C 121 -10.81 -18.38 2.13
CA LYS C 121 -9.91 -17.82 3.13
C LYS C 121 -9.70 -16.33 2.95
N THR C 122 -9.35 -15.66 4.04
CA THR C 122 -9.01 -14.25 4.00
C THR C 122 -7.86 -14.02 3.02
N THR C 123 -8.08 -13.13 2.07
CA THR C 123 -7.12 -12.91 0.98
C THR C 123 -7.00 -11.43 0.69
N ALA C 124 -5.77 -10.94 0.61
CA ALA C 124 -5.52 -9.55 0.27
C ALA C 124 -5.77 -9.30 -1.22
N PRO C 125 -6.22 -8.09 -1.57
CA PRO C 125 -6.51 -7.77 -2.96
C PRO C 125 -5.26 -7.54 -3.80
N SER C 126 -5.35 -7.86 -5.09
CA SER C 126 -4.40 -7.32 -6.04
C SER C 126 -5.00 -6.04 -6.59
N VAL C 127 -4.19 -4.99 -6.67
CA VAL C 127 -4.70 -3.70 -7.13
C VAL C 127 -4.06 -3.31 -8.45
N TYR C 128 -4.89 -3.12 -9.47
CA TYR C 128 -4.39 -2.87 -10.82
C TYR C 128 -4.81 -1.49 -11.33
N PRO C 129 -3.85 -0.73 -11.85
CA PRO C 129 -4.14 0.61 -12.40
C PRO C 129 -4.77 0.50 -13.79
N LEU C 130 -5.83 1.26 -14.01
CA LEU C 130 -6.48 1.27 -15.33
C LEU C 130 -6.28 2.62 -16.01
N ALA C 131 -5.28 2.69 -16.88
CA ALA C 131 -5.01 3.90 -17.65
C ALA C 131 -5.74 3.82 -18.99
N PRO C 132 -6.04 4.97 -19.60
CA PRO C 132 -6.75 4.98 -20.89
C PRO C 132 -6.02 4.20 -21.97
N VAL C 133 -6.74 3.80 -23.01
CA VAL C 133 -6.17 3.04 -24.11
C VAL C 133 -4.95 3.75 -24.70
N CYS C 134 -3.91 2.97 -24.99
CA CYS C 134 -2.66 3.53 -25.49
C CYS C 134 -2.84 4.17 -26.86
N GLY C 135 -3.28 5.42 -26.86
CA GLY C 135 -3.46 6.16 -28.10
C GLY C 135 -4.83 6.78 -28.27
N ASP C 136 -4.97 8.02 -27.78
CA ASP C 136 -6.14 8.87 -28.03
C ASP C 136 -7.46 8.38 -27.41
N THR C 137 -8.14 9.31 -26.75
CA THR C 137 -9.50 9.07 -26.25
C THR C 137 -10.35 10.30 -26.56
N THR C 138 -11.55 10.08 -27.09
CA THR C 138 -12.44 11.17 -27.46
C THR C 138 -12.97 11.93 -26.24
N GLY C 139 -12.91 13.25 -26.30
CA GLY C 139 -13.50 14.08 -25.27
C GLY C 139 -12.52 15.00 -24.54
N SER C 140 -13.07 16.00 -23.86
CA SER C 140 -12.26 16.93 -23.08
C SER C 140 -12.02 16.41 -21.67
N SER C 141 -12.69 15.33 -21.31
CA SER C 141 -12.49 14.70 -20.01
C SER C 141 -11.77 13.37 -20.18
N VAL C 142 -11.20 12.86 -19.10
CA VAL C 142 -10.52 11.59 -19.12
C VAL C 142 -10.98 10.73 -17.95
N THR C 143 -11.20 9.45 -18.22
CA THR C 143 -11.63 8.52 -17.17
C THR C 143 -10.54 7.51 -16.85
N LEU C 144 -10.24 7.37 -15.57
CA LEU C 144 -9.25 6.41 -15.08
C LEU C 144 -9.97 5.36 -14.24
N GLY C 145 -9.29 4.23 -14.01
CA GLY C 145 -9.88 3.19 -13.21
C GLY C 145 -8.92 2.52 -12.24
N CYS C 146 -9.48 1.80 -11.30
CA CYS C 146 -8.72 1.03 -10.33
C CYS C 146 -9.41 -0.30 -10.19
N LEU C 147 -8.71 -1.38 -10.49
CA LEU C 147 -9.28 -2.72 -10.42
C LEU C 147 -8.77 -3.46 -9.18
N VAL C 148 -9.70 -3.83 -8.31
CA VAL C 148 -9.37 -4.46 -7.03
C VAL C 148 -9.87 -5.90 -7.05
N LYS C 149 -8.95 -6.83 -7.26
CA LYS C 149 -9.33 -8.20 -7.63
C LYS C 149 -8.86 -9.27 -6.65
N GLY C 150 -9.76 -10.19 -6.36
CA GLY C 150 -9.42 -11.40 -5.63
C GLY C 150 -9.17 -11.24 -4.15
N TYR C 151 -10.01 -10.43 -3.48
CA TYR C 151 -9.90 -10.27 -2.04
C TYR C 151 -11.06 -10.94 -1.31
N PHE C 152 -10.87 -11.19 -0.03
CA PHE C 152 -11.89 -11.81 0.80
C PHE C 152 -11.54 -11.62 2.26
N PRO C 153 -12.55 -11.32 3.11
CA PRO C 153 -13.94 -11.04 2.75
C PRO C 153 -14.13 -9.56 2.45
N GLU C 154 -15.38 -9.15 2.27
CA GLU C 154 -15.73 -7.74 2.27
C GLU C 154 -15.45 -7.17 3.66
N PRO C 155 -15.21 -5.85 3.76
CA PRO C 155 -15.16 -4.88 2.67
C PRO C 155 -13.76 -4.38 2.34
N VAL C 156 -13.67 -3.56 1.31
CA VAL C 156 -12.50 -2.73 1.09
C VAL C 156 -12.95 -1.27 1.12
N THR C 157 -12.00 -0.38 1.36
CA THR C 157 -12.25 1.03 1.18
C THR C 157 -11.37 1.51 0.05
N LEU C 158 -11.96 2.27 -0.87
CA LEU C 158 -11.20 2.79 -2.00
C LEU C 158 -11.39 4.29 -2.07
N THR C 159 -10.28 5.02 -2.10
CA THR C 159 -10.32 6.47 -2.30
C THR C 159 -9.40 6.86 -3.43
N TRP C 160 -9.55 8.10 -3.90
CA TRP C 160 -8.70 8.66 -4.93
C TRP C 160 -7.95 9.88 -4.39
N ASN C 161 -6.63 9.85 -4.48
CA ASN C 161 -5.78 10.92 -3.93
C ASN C 161 -6.11 11.21 -2.47
N SER C 162 -6.36 10.16 -1.70
CA SER C 162 -6.64 10.26 -0.27
C SER C 162 -7.80 11.20 0.03
N GLY C 163 -8.79 11.20 -0.84
CA GLY C 163 -10.01 11.96 -0.62
C GLY C 163 -10.04 13.32 -1.28
N SER C 164 -8.91 13.77 -1.79
CA SER C 164 -8.82 15.07 -2.48
C SER C 164 -9.65 15.04 -3.76
N LEU C 165 -9.70 13.87 -4.36
CA LEU C 165 -10.50 13.66 -5.57
C LEU C 165 -11.75 12.86 -5.19
N SER C 166 -12.89 13.54 -5.14
CA SER C 166 -14.11 12.90 -4.69
C SER C 166 -15.24 13.02 -5.70
N SER C 167 -15.24 14.09 -6.48
CA SER C 167 -16.23 14.28 -7.53
C SER C 167 -15.91 13.39 -8.73
N GLY C 168 -16.94 12.98 -9.46
CA GLY C 168 -16.75 12.20 -10.66
C GLY C 168 -16.24 10.79 -10.41
N VAL C 169 -16.52 10.26 -9.22
CA VAL C 169 -16.08 8.92 -8.85
C VAL C 169 -17.26 7.94 -8.85
N HIS C 170 -17.04 6.76 -9.44
CA HIS C 170 -17.99 5.67 -9.33
C HIS C 170 -17.29 4.42 -8.79
N THR C 171 -17.71 3.93 -7.64
CA THR C 171 -17.17 2.69 -7.11
C THR C 171 -18.23 1.61 -7.19
N PHE C 172 -17.97 0.60 -8.02
CA PHE C 172 -18.95 -0.42 -8.33
C PHE C 172 -18.95 -1.53 -7.28
N PRO C 173 -20.15 -1.98 -6.88
CA PRO C 173 -20.29 -3.04 -5.87
C PRO C 173 -19.48 -4.27 -6.25
N ALA C 174 -18.85 -4.88 -5.26
CA ALA C 174 -18.00 -6.03 -5.48
C ALA C 174 -18.81 -7.25 -5.92
N ILE C 175 -18.22 -8.06 -6.77
CA ILE C 175 -18.85 -9.27 -7.30
C ILE C 175 -18.02 -10.49 -6.95
N LEU C 176 -18.67 -11.57 -6.57
CA LEU C 176 -17.97 -12.83 -6.32
C LEU C 176 -17.43 -13.45 -7.60
N GLN C 177 -16.15 -13.78 -7.57
CA GLN C 177 -15.48 -14.41 -8.71
C GLN C 177 -14.65 -15.58 -8.20
N SER C 178 -15.18 -16.79 -8.39
CA SER C 178 -14.60 -18.01 -7.84
C SER C 178 -14.38 -17.88 -6.33
N ASP C 179 -15.43 -17.48 -5.63
CA ASP C 179 -15.47 -17.37 -4.17
C ASP C 179 -14.63 -16.22 -3.62
N LEU C 180 -14.07 -15.39 -4.51
CA LEU C 180 -13.34 -14.20 -4.09
C LEU C 180 -14.01 -12.96 -4.68
N TYR C 181 -13.82 -11.81 -4.05
CA TYR C 181 -14.45 -10.58 -4.51
C TYR C 181 -13.59 -9.79 -5.46
N THR C 182 -14.24 -9.12 -6.41
CA THR C 182 -13.57 -8.20 -7.32
C THR C 182 -14.38 -6.92 -7.43
N LEU C 183 -13.68 -5.80 -7.35
CA LEU C 183 -14.30 -4.48 -7.36
C LEU C 183 -13.53 -3.57 -8.30
N SER C 184 -14.22 -2.61 -8.90
CA SER C 184 -13.57 -1.58 -9.68
C SER C 184 -14.09 -0.20 -9.29
N SER C 185 -13.30 0.83 -9.57
CA SER C 185 -13.73 2.19 -9.38
C SER C 185 -13.25 3.04 -10.54
N SER C 186 -14.09 3.95 -11.00
CA SER C 186 -13.70 4.88 -12.04
C SER C 186 -13.67 6.30 -11.51
N VAL C 187 -12.76 7.10 -12.02
CA VAL C 187 -12.74 8.52 -11.71
C VAL C 187 -12.60 9.31 -13.01
N THR C 188 -13.38 10.37 -13.14
CA THR C 188 -13.37 11.17 -14.35
C THR C 188 -12.95 12.60 -14.04
N VAL C 189 -11.91 13.07 -14.71
CA VAL C 189 -11.42 14.42 -14.51
C VAL C 189 -11.24 15.11 -15.85
N THR C 190 -11.01 16.43 -15.83
CA THR C 190 -10.72 17.17 -17.06
C THR C 190 -9.37 16.73 -17.58
N SER C 191 -9.16 16.85 -18.89
CA SER C 191 -7.88 16.51 -19.49
C SER C 191 -6.78 17.40 -18.92
N SER C 192 -7.16 18.58 -18.46
CA SER C 192 -6.23 19.53 -17.84
C SER C 192 -5.70 19.02 -16.50
N THR C 193 -6.38 18.03 -15.92
CA THR C 193 -6.04 17.52 -14.59
C THR C 193 -5.02 16.38 -14.65
N TRP C 194 -5.20 15.47 -15.60
CA TRP C 194 -4.36 14.28 -15.70
C TRP C 194 -3.91 14.09 -17.14
N PRO C 195 -2.64 13.70 -17.35
CA PRO C 195 -1.64 13.29 -16.36
C PRO C 195 -0.76 14.40 -15.79
N SER C 196 -1.13 15.67 -15.94
CA SER C 196 -0.31 16.75 -15.40
C SER C 196 -0.26 16.69 -13.87
N GLN C 197 -1.36 16.24 -13.25
CA GLN C 197 -1.37 15.99 -11.82
C GLN C 197 -1.37 14.49 -11.57
N SER C 198 -0.74 14.07 -10.48
CA SER C 198 -0.74 12.66 -10.11
C SER C 198 -2.12 12.24 -9.63
N ILE C 199 -2.55 11.05 -10.06
CA ILE C 199 -3.78 10.47 -9.54
C ILE C 199 -3.49 9.05 -9.04
N THR C 200 -3.77 8.84 -7.76
CA THR C 200 -3.47 7.59 -7.09
C THR C 200 -4.73 6.98 -6.50
N CYS C 201 -4.93 5.69 -6.74
CA CYS C 201 -6.04 5.03 -6.04
CA CYS C 201 -6.01 4.94 -6.10
C CYS C 201 -5.51 4.38 -4.77
N ASN C 202 -6.24 4.60 -3.69
CA ASN C 202 -5.86 4.11 -2.37
C ASN C 202 -6.81 3.02 -1.93
N VAL C 203 -6.28 1.82 -1.68
CA VAL C 203 -7.10 0.69 -1.30
C VAL C 203 -6.73 0.18 0.09
N ALA C 204 -7.73 0.03 0.95
CA ALA C 204 -7.52 -0.59 2.25
C ALA C 204 -8.37 -1.84 2.38
N HIS C 205 -7.76 -2.93 2.84
CA HIS C 205 -8.48 -4.15 3.14
C HIS C 205 -8.21 -4.54 4.58
N PRO C 206 -9.07 -4.11 5.50
CA PRO C 206 -8.88 -4.30 6.95
C PRO C 206 -8.68 -5.76 7.36
N ALA C 207 -9.40 -6.70 6.74
CA ALA C 207 -9.35 -8.09 7.18
C ALA C 207 -7.96 -8.69 7.01
N SER C 208 -7.20 -8.22 6.02
CA SER C 208 -5.85 -8.72 5.79
C SER C 208 -4.79 -7.72 6.24
N SER C 209 -5.23 -6.66 6.92
CA SER C 209 -4.35 -5.59 7.38
C SER C 209 -3.50 -5.02 6.24
N THR C 210 -4.17 -4.73 5.12
CA THR C 210 -3.49 -4.31 3.90
C THR C 210 -3.86 -2.89 3.50
N LYS C 211 -2.86 -2.10 3.14
CA LYS C 211 -3.09 -0.83 2.46
C LYS C 211 -2.23 -0.79 1.21
N VAL C 212 -2.83 -0.40 0.09
CA VAL C 212 -2.11 -0.31 -1.19
C VAL C 212 -2.37 1.04 -1.85
N ASP C 213 -1.30 1.69 -2.29
CA ASP C 213 -1.42 2.87 -3.13
C ASP C 213 -0.94 2.54 -4.53
N LYS C 214 -1.77 2.85 -5.52
CA LYS C 214 -1.42 2.59 -6.91
C LYS C 214 -1.56 3.86 -7.74
N LYS C 215 -0.43 4.42 -8.15
CA LYS C 215 -0.45 5.60 -9.02
C LYS C 215 -0.81 5.19 -10.44
N ILE C 216 -1.71 5.94 -11.07
CA ILE C 216 -2.11 5.67 -12.44
C ILE C 216 -1.18 6.34 -13.43
N GLU C 217 -0.40 5.55 -14.16
CA GLU C 217 0.55 6.06 -15.14
C GLU C 217 0.04 5.86 -16.56
N PRO C 218 0.39 6.77 -17.48
CA PRO C 218 0.08 6.56 -18.89
C PRO C 218 0.69 5.25 -19.42
N ARG C 219 -0.03 4.57 -20.31
CA ARG C 219 0.46 3.33 -20.89
C ARG C 219 1.64 3.57 -21.84
N ALA D 1 44.17 41.75 -27.94
CA ALA D 1 45.38 41.94 -27.15
C ALA D 1 45.46 40.89 -26.05
N PRO D 2 46.69 40.43 -25.74
CA PRO D 2 46.87 39.39 -24.72
C PRO D 2 46.59 39.86 -23.31
N PRO D 3 46.16 38.94 -22.42
CA PRO D 3 46.08 39.24 -21.00
C PRO D 3 47.46 39.65 -20.48
N GLN D 4 47.50 40.54 -19.50
CA GLN D 4 48.77 41.11 -19.05
C GLN D 4 49.26 40.49 -17.74
N GLY D 5 50.58 40.52 -17.55
CA GLY D 5 51.21 40.10 -16.30
C GLY D 5 50.78 38.74 -15.80
N VAL D 6 50.81 37.74 -16.68
CA VAL D 6 50.46 36.39 -16.29
C VAL D 6 51.43 35.87 -15.24
N THR D 7 50.90 35.29 -14.17
CA THR D 7 51.72 34.63 -13.17
C THR D 7 51.38 33.16 -13.10
N VAL D 8 52.39 32.34 -12.84
CA VAL D 8 52.20 30.90 -12.62
C VAL D 8 52.88 30.52 -11.32
N SER D 9 52.16 29.77 -10.48
CA SER D 9 52.66 29.46 -9.15
C SER D 9 52.21 28.07 -8.68
N LYS D 10 53.11 27.34 -8.04
CA LYS D 10 52.73 26.10 -7.36
C LYS D 10 51.91 26.48 -6.14
N ASN D 11 50.69 25.94 -6.04
CA ASN D 11 49.73 26.46 -5.08
C ASN D 11 49.89 25.97 -3.65
N ASP D 12 50.27 24.70 -3.48
CA ASP D 12 50.45 24.09 -2.16
C ASP D 12 49.17 24.14 -1.34
N GLY D 13 48.42 23.04 -1.33
CA GLY D 13 48.71 21.91 -2.19
C GLY D 13 49.64 20.86 -1.62
N ASN D 14 49.12 19.64 -1.46
CA ASN D 14 49.96 18.50 -1.14
C ASN D 14 50.34 17.78 -2.42
N GLY D 15 49.89 18.32 -3.55
CA GLY D 15 50.06 17.68 -4.83
C GLY D 15 50.71 18.52 -5.90
N THR D 16 50.14 18.50 -7.09
CA THR D 16 50.78 19.11 -8.26
C THR D 16 49.90 20.14 -8.96
N ALA D 17 49.09 20.85 -8.18
CA ALA D 17 48.25 21.91 -8.74
C ALA D 17 49.03 23.21 -8.89
N ILE D 18 48.72 23.96 -9.94
CA ILE D 18 49.28 25.30 -10.10
C ILE D 18 48.16 26.33 -10.13
N LEU D 19 48.51 27.57 -9.88
CA LEU D 19 47.57 28.67 -9.96
C LEU D 19 48.00 29.61 -11.08
N VAL D 20 47.10 29.83 -12.04
CA VAL D 20 47.36 30.73 -13.14
C VAL D 20 46.53 31.99 -12.97
N SER D 21 47.18 33.15 -13.07
CA SER D 21 46.48 34.41 -12.85
C SER D 21 46.94 35.46 -13.86
N TRP D 22 46.09 36.45 -14.10
CA TRP D 22 46.40 37.46 -15.12
C TRP D 22 45.68 38.79 -14.86
N GLN D 23 46.09 39.79 -15.62
CA GLN D 23 45.40 41.07 -15.68
C GLN D 23 44.69 41.15 -17.03
N PRO D 24 43.62 41.96 -17.12
CA PRO D 24 42.92 42.11 -18.40
C PRO D 24 43.76 42.82 -19.46
N PRO D 25 43.45 42.59 -20.74
CA PRO D 25 44.11 43.32 -21.83
C PRO D 25 43.77 44.80 -21.78
N PRO D 26 44.65 45.65 -22.33
CA PRO D 26 44.39 47.10 -22.38
C PRO D 26 43.11 47.42 -23.15
N GLU D 27 42.44 48.51 -22.79
CA GLU D 27 41.21 48.90 -23.47
C GLU D 27 41.52 49.55 -24.82
N MET D 33 35.21 44.24 -23.68
CA MET D 33 34.03 43.38 -23.68
C MET D 33 34.43 41.92 -23.62
N VAL D 34 35.44 41.61 -22.81
CA VAL D 34 35.91 40.23 -22.66
C VAL D 34 34.85 39.37 -21.98
N GLN D 35 34.43 38.31 -22.67
CA GLN D 35 33.39 37.43 -22.15
C GLN D 35 34.00 36.19 -21.50
N GLU D 36 35.14 35.75 -22.01
CA GLU D 36 35.80 34.56 -21.49
C GLU D 36 37.32 34.66 -21.55
N TYR D 37 37.98 33.98 -20.63
CA TYR D 37 39.42 33.78 -20.69
C TYR D 37 39.72 32.31 -20.91
N LYS D 38 40.65 32.01 -21.81
CA LYS D 38 41.04 30.63 -22.09
C LYS D 38 42.48 30.39 -21.67
N VAL D 39 42.72 29.24 -21.05
CA VAL D 39 44.06 28.87 -20.61
C VAL D 39 44.52 27.59 -21.28
N TRP D 40 45.72 27.62 -21.85
CA TRP D 40 46.34 26.43 -22.42
C TRP D 40 47.52 25.99 -21.57
N CYS D 41 47.44 24.78 -21.03
CA CYS D 41 48.53 24.21 -20.26
C CYS D 41 49.07 22.99 -21.01
N LEU D 42 50.11 23.21 -21.81
CA LEU D 42 50.55 22.22 -22.79
C LEU D 42 51.85 21.54 -22.42
N GLY D 43 51.90 20.23 -22.61
CA GLY D 43 53.12 19.47 -22.40
C GLY D 43 53.80 19.18 -23.73
N ASN D 44 54.79 18.29 -23.70
CA ASN D 44 55.54 17.95 -24.90
C ASN D 44 54.78 17.06 -25.87
N GLU D 45 53.69 16.44 -25.39
CA GLU D 45 52.84 15.62 -26.26
C GLU D 45 51.36 15.89 -26.05
N THR D 46 50.56 15.52 -27.03
CA THR D 46 49.15 15.86 -27.07
C THR D 46 48.37 15.35 -25.86
N ARG D 47 48.77 14.19 -25.33
CA ARG D 47 48.05 13.58 -24.22
C ARG D 47 48.14 14.38 -22.92
N TYR D 48 49.03 15.37 -22.89
CA TYR D 48 49.19 16.20 -21.68
C TYR D 48 48.42 17.51 -21.76
N HIS D 49 47.89 17.82 -22.94
CA HIS D 49 47.16 19.06 -23.22
CA HIS D 49 47.20 19.08 -23.16
C HIS D 49 45.99 19.27 -22.25
N ILE D 50 45.98 20.42 -21.57
CA ILE D 50 44.89 20.81 -20.68
C ILE D 50 44.23 22.11 -21.16
N ASN D 51 42.91 22.09 -21.31
CA ASN D 51 42.15 23.29 -21.62
C ASN D 51 41.37 23.77 -20.41
N LYS D 52 41.31 25.07 -20.20
CA LYS D 52 40.50 25.63 -19.12
C LYS D 52 39.88 26.95 -19.54
N THR D 53 38.61 27.15 -19.18
CA THR D 53 37.87 28.34 -19.56
C THR D 53 37.20 28.98 -18.34
N VAL D 54 37.34 30.30 -18.20
CA VAL D 54 36.64 31.06 -17.16
C VAL D 54 35.96 32.29 -17.76
N ASP D 55 35.06 32.91 -17.01
CA ASP D 55 34.35 34.08 -17.53
C ASP D 55 35.22 35.32 -17.56
N GLY D 56 34.69 36.40 -18.14
CA GLY D 56 35.45 37.62 -18.33
C GLY D 56 35.73 38.41 -17.06
N SER D 57 35.14 38.00 -15.95
CA SER D 57 35.36 38.68 -14.67
C SER D 57 36.16 37.78 -13.73
N THR D 58 36.79 36.75 -14.27
CA THR D 58 37.64 35.86 -13.49
C THR D 58 39.08 36.02 -13.96
N PHE D 59 40.00 36.12 -13.01
CA PHE D 59 41.38 36.45 -13.34
C PHE D 59 42.39 35.52 -12.68
N SER D 60 41.89 34.38 -12.21
CA SER D 60 42.75 33.33 -11.69
C SER D 60 42.04 32.00 -11.78
N VAL D 61 42.79 30.94 -12.00
CA VAL D 61 42.22 29.60 -12.05
C VAL D 61 43.24 28.58 -11.55
N VAL D 62 42.76 27.58 -10.83
CA VAL D 62 43.61 26.49 -10.40
C VAL D 62 43.59 25.37 -11.45
N ILE D 63 44.76 24.89 -11.83
CA ILE D 63 44.86 23.76 -12.73
C ILE D 63 45.49 22.59 -12.00
N PRO D 64 44.68 21.59 -11.63
CA PRO D 64 45.19 20.46 -10.83
C PRO D 64 45.86 19.39 -11.68
N PHE D 65 46.55 18.47 -10.99
CA PHE D 65 47.06 17.23 -11.56
C PHE D 65 48.10 17.38 -12.67
N LEU D 66 48.97 18.38 -12.59
CA LEU D 66 50.08 18.43 -13.54
C LEU D 66 50.98 17.23 -13.32
N VAL D 67 51.48 16.66 -14.41
CA VAL D 67 52.35 15.49 -14.31
C VAL D 67 53.76 15.92 -13.89
N PRO D 68 54.24 15.38 -12.77
CA PRO D 68 55.58 15.68 -12.26
C PRO D 68 56.68 15.32 -13.26
N GLY D 69 57.61 16.24 -13.48
CA GLY D 69 58.72 16.00 -14.40
C GLY D 69 58.45 16.52 -15.80
N ILE D 70 57.17 16.80 -16.09
CA ILE D 70 56.78 17.29 -17.40
C ILE D 70 56.85 18.83 -17.44
N ARG D 71 57.62 19.34 -18.39
CA ARG D 71 57.73 20.79 -18.56
C ARG D 71 56.52 21.33 -19.32
N TYR D 72 55.70 22.10 -18.61
CA TYR D 72 54.49 22.67 -19.20
C TYR D 72 54.68 24.10 -19.66
N SER D 73 53.97 24.46 -20.73
CA SER D 73 53.86 25.85 -21.12
C SER D 73 52.46 26.34 -20.77
N VAL D 74 52.37 27.59 -20.32
CA VAL D 74 51.10 28.17 -19.94
C VAL D 74 50.82 29.42 -20.75
N GLU D 75 49.66 29.45 -21.42
CA GLU D 75 49.25 30.60 -22.21
C GLU D 75 47.81 31.00 -21.88
N VAL D 76 47.55 32.30 -21.89
CA VAL D 76 46.21 32.80 -21.64
C VAL D 76 45.77 33.71 -22.77
N ALA D 77 44.49 33.63 -23.16
CA ALA D 77 43.95 34.51 -24.17
C ALA D 77 42.56 35.01 -23.77
N ALA D 78 42.22 36.22 -24.21
CA ALA D 78 40.91 36.79 -23.95
C ALA D 78 40.00 36.54 -25.14
N SER D 79 38.72 36.31 -24.86
CA SER D 79 37.74 36.01 -25.91
C SER D 79 36.58 37.00 -25.88
N GLY D 83 35.53 34.53 -30.93
CA GLY D 83 36.69 33.71 -31.26
C GLY D 83 37.68 33.60 -30.11
N SER D 84 38.92 33.97 -30.38
CA SER D 84 39.98 33.92 -29.37
C SER D 84 41.12 34.87 -29.73
N GLY D 85 41.45 35.75 -28.81
CA GLY D 85 42.47 36.76 -29.06
C GLY D 85 43.90 36.25 -29.03
N VAL D 86 44.85 37.18 -29.06
CA VAL D 86 46.27 36.85 -29.02
C VAL D 86 46.67 36.26 -27.68
N LYS D 87 47.43 35.17 -27.70
CA LYS D 87 47.85 34.50 -26.48
C LYS D 87 49.01 35.22 -25.80
N SER D 88 49.02 35.19 -24.47
CA SER D 88 50.13 35.72 -23.71
C SER D 88 51.41 34.95 -24.03
N GLU D 89 52.55 35.62 -23.89
CA GLU D 89 53.84 34.95 -24.07
C GLU D 89 53.93 33.77 -23.10
N PRO D 90 54.23 32.58 -23.63
CA PRO D 90 54.20 31.36 -22.82
C PRO D 90 55.21 31.39 -21.67
N GLN D 91 54.75 31.02 -20.49
CA GLN D 91 55.63 30.81 -19.35
C GLN D 91 55.72 29.33 -19.07
N PHE D 92 56.79 28.91 -18.41
CA PHE D 92 57.06 27.49 -18.24
C PHE D 92 57.17 27.09 -16.77
N ILE D 93 56.66 25.92 -16.44
CA ILE D 93 56.75 25.41 -15.08
C ILE D 93 56.88 23.88 -15.12
N GLN D 94 57.71 23.35 -14.23
CA GLN D 94 57.94 21.92 -14.16
C GLN D 94 58.03 21.48 -12.70
N LEU D 95 57.13 20.59 -12.31
CA LEU D 95 57.06 20.13 -10.93
C LEU D 95 57.89 18.85 -10.74
N ASP D 96 58.59 18.78 -9.62
CA ASP D 96 59.45 17.64 -9.34
C ASP D 96 58.63 16.44 -8.85
N ASP E 1 46.23 -5.05 -23.81
CA ASP E 1 45.92 -4.01 -22.84
C ASP E 1 46.72 -4.23 -21.55
N ILE E 2 46.95 -3.16 -20.80
CA ILE E 2 47.65 -3.27 -19.53
C ILE E 2 46.72 -3.83 -18.47
N GLN E 3 47.17 -4.88 -17.78
CA GLN E 3 46.34 -5.55 -16.78
C GLN E 3 46.69 -5.08 -15.37
N MET E 4 45.68 -4.58 -14.66
CA MET E 4 45.85 -4.16 -13.28
C MET E 4 45.30 -5.23 -12.33
N THR E 5 46.16 -5.74 -11.46
CA THR E 5 45.77 -6.85 -10.59
C THR E 5 45.76 -6.48 -9.11
N GLN E 6 44.58 -6.52 -8.51
CA GLN E 6 44.43 -6.42 -7.07
C GLN E 6 44.15 -7.81 -6.51
N THR E 7 45.22 -8.50 -6.12
CA THR E 7 45.14 -9.91 -5.72
C THR E 7 44.12 -10.16 -4.61
N THR E 8 44.08 -9.26 -3.63
CA THR E 8 43.13 -9.37 -2.54
C THR E 8 41.83 -8.64 -2.88
N SER E 9 40.73 -9.39 -2.95
CA SER E 9 39.44 -8.81 -3.29
C SER E 9 38.67 -8.38 -2.04
N SER E 10 39.01 -8.99 -0.90
CA SER E 10 38.37 -8.66 0.35
C SER E 10 39.38 -8.70 1.50
N LEU E 11 39.43 -7.61 2.26
CA LEU E 11 40.41 -7.50 3.35
C LEU E 11 39.72 -7.12 4.66
N SER E 12 40.02 -7.86 5.72
CA SER E 12 39.43 -7.59 7.02
C SER E 12 40.48 -7.03 7.98
N ALA E 13 40.12 -5.97 8.69
CA ALA E 13 41.02 -5.33 9.64
C ALA E 13 40.24 -4.73 10.81
N SER E 14 40.96 -4.37 11.87
CA SER E 14 40.34 -3.72 13.02
C SER E 14 40.44 -2.21 12.90
N LEU E 15 39.52 -1.49 13.53
CA LEU E 15 39.60 -0.04 13.56
C LEU E 15 40.89 0.38 14.25
N GLY E 16 41.59 1.34 13.67
CA GLY E 16 42.85 1.81 14.22
C GLY E 16 44.05 1.13 13.59
N ASP E 17 43.81 0.05 12.85
CA ASP E 17 44.89 -0.68 12.21
C ASP E 17 45.48 0.08 11.03
N ARG E 18 46.74 -0.22 10.73
CA ARG E 18 47.37 0.25 9.51
C ARG E 18 47.08 -0.77 8.40
N VAL E 19 46.26 -0.39 7.43
CA VAL E 19 45.90 -1.33 6.37
C VAL E 19 46.52 -0.89 5.04
N THR E 20 46.97 -1.88 4.27
CA THR E 20 47.62 -1.62 2.99
C THR E 20 46.97 -2.43 1.88
N ILE E 21 46.61 -1.75 0.79
CA ILE E 21 46.01 -2.40 -0.37
C ILE E 21 46.98 -2.36 -1.54
N SER E 22 47.24 -3.53 -2.12
CA SER E 22 48.23 -3.64 -3.19
C SER E 22 47.62 -3.63 -4.59
N CYS E 23 48.40 -3.13 -5.54
CA CYS E 23 47.98 -3.04 -6.94
C CYS E 23 49.17 -3.32 -7.85
N ARG E 24 48.98 -4.18 -8.85
CA ARG E 24 50.07 -4.56 -9.73
C ARG E 24 49.75 -4.31 -11.20
N ALA E 25 50.69 -3.71 -11.91
CA ALA E 25 50.55 -3.47 -13.34
C ALA E 25 51.30 -4.53 -14.13
N SER E 26 50.71 -4.99 -15.22
CA SER E 26 51.31 -6.04 -16.04
C SER E 26 52.59 -5.56 -16.73
N GLN E 27 52.76 -4.25 -16.81
CA GLN E 27 53.99 -3.66 -17.33
C GLN E 27 54.16 -2.23 -16.82
N ASP E 28 55.29 -1.62 -17.14
CA ASP E 28 55.62 -0.29 -16.65
C ASP E 28 54.57 0.76 -17.02
N ILE E 29 53.99 1.39 -16.01
CA ILE E 29 53.02 2.46 -16.22
C ILE E 29 53.57 3.76 -15.64
N SER E 30 54.89 3.81 -15.44
CA SER E 30 55.56 4.93 -14.80
C SER E 30 54.96 5.18 -13.43
N ASN E 31 54.44 6.39 -13.23
CA ASN E 31 53.75 6.72 -11.99
C ASN E 31 52.30 7.07 -12.24
N PHE E 32 51.79 6.75 -13.43
CA PHE E 32 50.41 7.04 -13.78
C PHE E 32 49.47 6.03 -13.14
N LEU E 33 49.31 6.11 -11.82
CA LEU E 33 48.41 5.22 -11.11
C LEU E 33 47.56 5.98 -10.10
N ASN E 34 46.24 5.87 -10.26
CA ASN E 34 45.30 6.56 -9.40
C ASN E 34 44.50 5.59 -8.54
N TRP E 35 44.02 6.07 -7.40
CA TRP E 35 43.16 5.27 -6.52
C TRP E 35 41.79 5.91 -6.35
N TYR E 36 40.75 5.10 -6.45
CA TYR E 36 39.39 5.58 -6.26
C TYR E 36 38.69 4.82 -5.14
N GLN E 37 37.79 5.51 -4.46
CA GLN E 37 37.03 4.91 -3.38
C GLN E 37 35.56 4.85 -3.75
N GLN E 38 34.98 3.65 -3.69
CA GLN E 38 33.56 3.50 -3.94
C GLN E 38 32.83 3.16 -2.64
N LYS E 39 31.87 4.00 -2.28
CA LYS E 39 31.03 3.78 -1.10
C LYS E 39 29.92 2.79 -1.43
N PRO E 40 29.34 2.15 -0.41
CA PRO E 40 28.27 1.18 -0.71
C PRO E 40 27.08 1.79 -1.45
N ASP E 41 26.88 3.09 -1.34
CA ASP E 41 25.76 3.74 -2.04
C ASP E 41 26.10 4.02 -3.51
N GLY E 42 27.30 3.62 -3.93
CA GLY E 42 27.68 3.70 -5.33
C GLY E 42 28.46 4.94 -5.72
N THR E 43 28.63 5.87 -4.79
CA THR E 43 29.38 7.09 -5.07
C THR E 43 30.86 6.77 -5.23
N VAL E 44 31.47 7.33 -6.27
CA VAL E 44 32.88 7.10 -6.55
C VAL E 44 33.65 8.41 -6.43
N LYS E 45 34.80 8.37 -5.77
CA LYS E 45 35.61 9.56 -5.56
C LYS E 45 37.10 9.29 -5.72
N LEU E 46 37.80 10.24 -6.32
CA LEU E 46 39.25 10.17 -6.42
C LEU E 46 39.89 10.36 -5.05
N LEU E 47 40.85 9.51 -4.73
CA LEU E 47 41.54 9.56 -3.45
C LEU E 47 42.99 9.94 -3.61
N ILE E 48 43.69 9.21 -4.47
CA ILE E 48 45.12 9.37 -4.71
C ILE E 48 45.38 9.45 -6.21
N TYR E 49 46.19 10.42 -6.64
CA TYR E 49 46.58 10.49 -8.04
C TYR E 49 48.09 10.46 -8.20
N TYR E 50 48.55 9.95 -9.33
CA TYR E 50 49.96 9.81 -9.64
CA TYR E 50 49.97 9.83 -9.64
C TYR E 50 50.73 9.14 -8.51
N THR E 51 50.26 7.94 -8.15
CA THR E 51 50.90 7.06 -7.15
C THR E 51 50.80 7.56 -5.70
N SER E 52 51.16 8.80 -5.45
CA SER E 52 51.33 9.26 -4.07
C SER E 52 50.67 10.60 -3.73
N ARG E 53 50.12 11.28 -4.72
CA ARG E 53 49.56 12.61 -4.47
C ARG E 53 48.15 12.55 -3.92
N LEU E 54 47.95 13.20 -2.78
CA LEU E 54 46.67 13.20 -2.09
C LEU E 54 45.71 14.22 -2.71
N HIS E 55 44.54 13.75 -3.14
CA HIS E 55 43.53 14.64 -3.70
C HIS E 55 42.99 15.58 -2.63
N SER E 56 42.58 16.77 -3.04
CA SER E 56 42.05 17.78 -2.11
C SER E 56 40.82 17.26 -1.38
N GLY E 57 40.79 17.44 -0.06
CA GLY E 57 39.66 17.02 0.74
C GLY E 57 39.85 15.67 1.43
N VAL E 58 40.75 14.86 0.87
CA VAL E 58 41.02 13.53 1.42
C VAL E 58 41.87 13.62 2.70
N PRO E 59 41.44 12.91 3.76
CA PRO E 59 42.15 12.87 5.04
C PRO E 59 43.60 12.42 4.89
N SER E 60 44.48 12.99 5.70
CA SER E 60 45.92 12.76 5.58
C SER E 60 46.34 11.34 5.97
N ARG E 61 45.41 10.58 6.56
CA ARG E 61 45.70 9.21 6.93
C ARG E 61 45.84 8.33 5.69
N PHE E 62 45.37 8.83 4.56
CA PHE E 62 45.55 8.15 3.28
C PHE E 62 46.88 8.51 2.64
N SER E 63 47.57 7.50 2.11
CA SER E 63 48.81 7.72 1.38
C SER E 63 48.99 6.64 0.32
N GLY E 64 49.88 6.89 -0.62
CA GLY E 64 50.16 5.94 -1.68
C GLY E 64 51.65 5.86 -1.99
N SER E 65 52.08 4.73 -2.54
CA SER E 65 53.47 4.54 -2.92
C SER E 65 53.55 3.51 -4.04
N GLY E 66 54.61 3.58 -4.84
CA GLY E 66 54.74 2.70 -5.99
C GLY E 66 56.16 2.54 -6.49
N SER E 67 56.43 1.42 -7.15
CA SER E 67 57.76 1.14 -7.67
C SER E 67 57.71 0.56 -9.07
N GLY E 68 57.07 1.29 -9.98
CA GLY E 68 57.04 0.91 -11.39
C GLY E 68 55.88 0.00 -11.76
N THR E 69 55.84 -1.19 -11.16
CA THR E 69 54.76 -2.14 -11.42
C THR E 69 54.06 -2.53 -10.13
N ASP E 70 54.70 -2.24 -8.99
CA ASP E 70 54.11 -2.53 -7.69
C ASP E 70 53.64 -1.24 -7.02
N PHE E 71 52.37 -1.20 -6.65
CA PHE E 71 51.80 -0.01 -6.02
C PHE E 71 51.00 -0.37 -4.78
N SER E 72 50.81 0.60 -3.89
CA SER E 72 50.06 0.35 -2.68
C SER E 72 49.31 1.59 -2.20
N LEU E 73 48.14 1.35 -1.62
CA LEU E 73 47.37 2.39 -0.95
C LEU E 73 47.37 2.06 0.55
N THR E 74 47.71 3.04 1.38
CA THR E 74 47.83 2.79 2.80
C THR E 74 46.95 3.73 3.63
N ILE E 75 46.17 3.13 4.53
CA ILE E 75 45.44 3.89 5.53
C ILE E 75 46.15 3.72 6.87
N SER E 76 46.71 4.81 7.39
CA SER E 76 47.57 4.76 8.57
C SER E 76 46.81 4.29 9.81
N LYS E 77 45.59 4.77 9.96
CA LYS E 77 44.76 4.40 11.10
C LYS E 77 43.31 4.29 10.62
N LEU E 78 42.84 3.05 10.49
CA LEU E 78 41.54 2.78 9.89
C LEU E 78 40.38 3.37 10.69
N GLU E 79 39.56 4.18 10.03
CA GLU E 79 38.33 4.69 10.62
C GLU E 79 37.13 4.00 9.98
N GLN E 80 35.96 4.14 10.59
CA GLN E 80 34.77 3.43 10.13
C GLN E 80 34.32 3.93 8.75
N GLU E 81 34.49 5.22 8.49
CA GLU E 81 34.07 5.79 7.21
C GLU E 81 34.96 5.33 6.06
N ASP E 82 36.05 4.64 6.38
CA ASP E 82 36.97 4.13 5.36
C ASP E 82 36.50 2.80 4.81
N ILE E 83 35.49 2.21 5.44
CA ILE E 83 34.92 0.96 4.94
C ILE E 83 34.27 1.19 3.59
N ALA E 84 34.90 0.65 2.56
CA ALA E 84 34.50 0.87 1.17
C ALA E 84 35.25 -0.08 0.25
N THR E 85 35.09 0.12 -1.05
CA THR E 85 35.83 -0.65 -2.05
C THR E 85 36.79 0.27 -2.79
N TYR E 86 38.05 -0.15 -2.87
CA TYR E 86 39.10 0.68 -3.46
C TYR E 86 39.61 0.10 -4.77
N PHE E 87 39.68 0.94 -5.80
CA PHE E 87 40.15 0.55 -7.12
C PHE E 87 41.39 1.34 -7.53
N CYS E 88 42.35 0.66 -8.13
CA CYS E 88 43.47 1.36 -8.75
C CYS E 88 43.21 1.52 -10.24
N GLN E 89 43.92 2.45 -10.88
CA GLN E 89 43.70 2.75 -12.29
C GLN E 89 44.97 3.29 -12.95
N GLN E 90 45.37 2.68 -14.06
CA GLN E 90 46.50 3.20 -14.82
C GLN E 90 46.02 4.18 -15.88
N GLY E 91 46.79 5.24 -16.08
CA GLY E 91 46.44 6.25 -17.07
C GLY E 91 47.58 6.49 -18.04
N ASN E 92 48.48 5.53 -18.14
CA ASN E 92 49.64 5.64 -19.01
C ASN E 92 49.31 5.30 -20.46
N THR E 93 48.38 4.37 -20.65
CA THR E 93 48.15 3.77 -21.95
C THR E 93 46.67 3.51 -22.22
N LEU E 94 46.21 3.78 -23.44
CA LEU E 94 44.87 3.42 -23.88
C LEU E 94 44.83 1.95 -24.32
N PRO E 95 43.75 1.23 -23.94
CA PRO E 95 42.63 1.71 -23.13
C PRO E 95 42.96 1.80 -21.65
N LEU E 96 42.35 2.75 -20.96
CA LEU E 96 42.51 2.85 -19.52
C LEU E 96 41.95 1.60 -18.87
N THR E 97 42.63 1.11 -17.83
CA THR E 97 42.21 -0.11 -17.16
C THR E 97 42.24 0.04 -15.64
N PHE E 98 41.37 -0.72 -14.98
CA PHE E 98 41.24 -0.69 -13.52
C PHE E 98 41.60 -2.03 -12.90
N GLY E 99 42.00 -1.99 -11.62
CA GLY E 99 42.10 -3.21 -10.83
C GLY E 99 40.71 -3.70 -10.51
N ALA E 100 40.59 -4.94 -10.03
CA ALA E 100 39.29 -5.54 -9.77
C ALA E 100 38.66 -5.01 -8.49
N GLY E 101 39.44 -4.31 -7.68
CA GLY E 101 38.92 -3.68 -6.48
C GLY E 101 39.09 -4.51 -5.22
N THR E 102 39.38 -3.82 -4.12
CA THR E 102 39.54 -4.46 -2.83
C THR E 102 38.55 -3.88 -1.82
N LYS E 103 37.71 -4.76 -1.27
CA LYS E 103 36.68 -4.35 -0.33
C LYS E 103 37.15 -4.54 1.10
N LEU E 104 37.05 -3.47 1.90
CA LEU E 104 37.45 -3.54 3.31
C LEU E 104 36.28 -3.94 4.19
N GLU E 105 36.55 -4.77 5.19
CA GLU E 105 35.56 -5.13 6.19
C GLU E 105 36.21 -5.14 7.56
N LEU E 106 35.39 -5.13 8.61
CA LEU E 106 35.90 -5.04 9.97
C LEU E 106 35.92 -6.38 10.68
N LYS E 107 36.90 -6.57 11.55
CA LYS E 107 36.95 -7.75 12.40
C LYS E 107 36.38 -7.44 13.77
N ARG E 108 35.82 -8.46 14.42
CA ARG E 108 35.32 -8.34 15.78
C ARG E 108 35.34 -9.72 16.43
N ALA E 109 34.89 -9.80 17.67
CA ALA E 109 34.86 -11.07 18.39
C ALA E 109 33.74 -11.96 17.85
N GLU E 110 33.89 -13.27 18.05
CA GLU E 110 32.89 -14.24 17.63
C GLU E 110 31.56 -13.99 18.30
N ALA E 111 30.48 -14.10 17.54
CA ALA E 111 29.14 -13.93 18.09
C ALA E 111 28.20 -14.98 17.52
N ALA E 112 27.48 -15.67 18.39
CA ALA E 112 26.52 -16.68 17.98
C ALA E 112 25.27 -16.03 17.40
N PRO E 113 24.67 -16.66 16.38
CA PRO E 113 23.48 -16.12 15.73
C PRO E 113 22.23 -16.24 16.59
N THR E 114 21.31 -15.28 16.44
CA THR E 114 19.99 -15.39 17.03
C THR E 114 19.02 -15.87 15.96
N VAL E 115 18.37 -17.00 16.21
CA VAL E 115 17.59 -17.69 15.18
C VAL E 115 16.08 -17.63 15.42
N SER E 116 15.36 -17.23 14.38
CA SER E 116 13.91 -17.15 14.41
C SER E 116 13.32 -17.81 13.17
N ILE E 117 12.29 -18.63 13.36
CA ILE E 117 11.65 -19.29 12.23
C ILE E 117 10.24 -18.76 12.02
N PHE E 118 9.82 -18.66 10.77
CA PHE E 118 8.52 -18.09 10.43
C PHE E 118 7.77 -18.95 9.43
N PRO E 119 6.61 -19.48 9.85
CA PRO E 119 5.72 -20.21 8.94
C PRO E 119 5.26 -19.31 7.80
N PRO E 120 4.82 -19.92 6.69
CA PRO E 120 4.21 -19.13 5.62
C PRO E 120 3.04 -18.31 6.17
N SER E 121 2.91 -17.07 5.71
CA SER E 121 1.77 -16.27 6.08
C SER E 121 0.52 -16.88 5.48
N SER E 122 -0.61 -16.75 6.16
CA SER E 122 -1.88 -17.23 5.63
C SER E 122 -2.17 -16.57 4.29
N GLU E 123 -1.66 -15.36 4.13
CA GLU E 123 -1.79 -14.61 2.90
C GLU E 123 -1.11 -15.28 1.73
N GLN E 124 0.14 -15.68 1.93
CA GLN E 124 0.92 -16.29 0.86
C GLN E 124 0.28 -17.61 0.42
N LEU E 125 -0.28 -18.34 1.36
CA LEU E 125 -0.92 -19.62 1.06
C LEU E 125 -2.03 -19.45 0.04
N THR E 126 -2.72 -18.31 0.09
CA THR E 126 -3.79 -18.03 -0.86
C THR E 126 -3.27 -17.94 -2.30
N SER E 127 -1.96 -17.78 -2.45
CA SER E 127 -1.35 -17.63 -3.77
C SER E 127 -0.95 -18.96 -4.40
N GLY E 128 -0.96 -20.01 -3.60
CA GLY E 128 -0.55 -21.33 -4.08
C GLY E 128 0.91 -21.60 -3.80
N GLY E 129 1.56 -20.66 -3.12
CA GLY E 129 2.95 -20.83 -2.73
C GLY E 129 3.11 -20.81 -1.23
N ALA E 130 4.25 -21.28 -0.74
CA ALA E 130 4.51 -21.29 0.70
C ALA E 130 6.00 -21.12 0.99
N SER E 131 6.35 -20.02 1.63
CA SER E 131 7.74 -19.75 1.99
C SER E 131 7.93 -19.85 3.49
N VAL E 132 8.88 -20.68 3.90
CA VAL E 132 9.26 -20.78 5.31
C VAL E 132 10.57 -20.03 5.49
N VAL E 133 10.58 -19.07 6.41
CA VAL E 133 11.72 -18.18 6.56
C VAL E 133 12.45 -18.37 7.88
N CYS E 134 13.77 -18.43 7.81
CA CYS E 134 14.62 -18.52 9.00
CA CYS E 134 14.61 -18.50 9.01
C CYS E 134 15.62 -17.36 9.04
N PHE E 135 15.52 -16.52 10.06
CA PHE E 135 16.47 -15.43 10.25
C PHE E 135 17.60 -15.86 11.17
N LEU E 136 18.83 -15.64 10.72
CA LEU E 136 20.02 -15.90 11.52
C LEU E 136 20.72 -14.55 11.73
N ASN E 137 20.50 -13.93 12.88
CA ASN E 137 20.87 -12.53 13.03
C ASN E 137 22.04 -12.25 13.96
N ASN E 138 22.83 -11.26 13.56
CA ASN E 138 23.92 -10.70 14.37
C ASN E 138 24.95 -11.73 14.83
N PHE E 139 25.61 -12.37 13.86
CA PHE E 139 26.65 -13.34 14.18
C PHE E 139 27.98 -12.94 13.55
N TYR E 140 29.06 -13.55 14.04
CA TYR E 140 30.39 -13.35 13.48
C TYR E 140 31.23 -14.59 13.77
N PRO E 141 31.98 -15.07 12.75
CA PRO E 141 32.16 -14.48 11.42
C PRO E 141 31.04 -14.85 10.45
N LYS E 142 31.21 -14.44 9.20
CA LYS E 142 30.16 -14.55 8.19
C LYS E 142 29.80 -15.99 7.85
N ASP E 143 30.80 -16.87 7.90
CA ASP E 143 30.59 -18.28 7.55
C ASP E 143 29.58 -18.95 8.48
N ILE E 144 28.55 -19.55 7.91
CA ILE E 144 27.51 -20.20 8.69
C ILE E 144 26.77 -21.23 7.84
N ASN E 145 26.17 -22.22 8.49
CA ASN E 145 25.46 -23.29 7.79
C ASN E 145 24.03 -23.43 8.29
N VAL E 146 23.10 -23.61 7.37
CA VAL E 146 21.70 -23.85 7.74
C VAL E 146 21.19 -25.13 7.10
N LYS E 147 20.49 -25.93 7.90
CA LYS E 147 19.90 -27.17 7.41
C LYS E 147 18.39 -27.16 7.64
N TRP E 148 17.64 -27.47 6.59
CA TRP E 148 16.18 -27.54 6.70
C TRP E 148 15.72 -28.99 6.83
N LYS E 149 14.80 -29.22 7.76
CA LYS E 149 14.21 -30.54 7.94
C LYS E 149 12.69 -30.46 7.85
N ILE E 150 12.10 -31.36 7.07
CA ILE E 150 10.66 -31.46 6.93
C ILE E 150 10.20 -32.83 7.40
N ASP E 151 9.37 -32.86 8.45
CA ASP E 151 8.90 -34.11 9.03
C ASP E 151 10.06 -35.04 9.40
N GLY E 152 11.12 -34.46 9.97
CA GLY E 152 12.26 -35.23 10.41
C GLY E 152 13.22 -35.62 9.29
N SER E 153 12.94 -35.13 8.07
CA SER E 153 13.75 -35.46 6.92
C SER E 153 14.39 -34.22 6.30
N GLU E 154 15.69 -34.31 6.03
CA GLU E 154 16.44 -33.17 5.50
C GLU E 154 15.95 -32.75 4.12
N ARG E 155 15.79 -31.44 3.93
CA ARG E 155 15.34 -30.87 2.66
C ARG E 155 16.34 -29.83 2.18
N GLN E 156 16.80 -29.95 0.94
CA GLN E 156 17.78 -29.00 0.42
C GLN E 156 17.28 -28.23 -0.80
N ASN E 157 16.47 -28.87 -1.64
CA ASN E 157 15.91 -28.16 -2.78
C ASN E 157 14.93 -27.08 -2.35
N GLY E 158 14.99 -25.94 -3.03
CA GLY E 158 14.08 -24.84 -2.74
C GLY E 158 14.57 -23.88 -1.69
N VAL E 159 15.83 -24.02 -1.29
CA VAL E 159 16.41 -23.16 -0.26
C VAL E 159 17.28 -22.05 -0.87
N LEU E 160 17.00 -20.81 -0.47
CA LEU E 160 17.79 -19.66 -0.91
C LEU E 160 18.30 -18.89 0.30
N ASN E 161 19.59 -18.59 0.31
CA ASN E 161 20.24 -17.91 1.42
C ASN E 161 20.80 -16.56 1.03
N SER E 162 20.52 -15.53 1.84
CA SER E 162 21.00 -14.18 1.57
C SER E 162 21.67 -13.57 2.80
N TRP E 163 22.93 -13.17 2.63
CA TRP E 163 23.67 -12.49 3.69
C TRP E 163 23.57 -10.98 3.57
N THR E 164 23.47 -10.30 4.70
CA THR E 164 23.57 -8.84 4.70
C THR E 164 25.01 -8.42 4.56
N ASP E 165 25.22 -7.18 4.15
CA ASP E 165 26.55 -6.57 4.27
C ASP E 165 26.84 -6.41 5.76
N GLN E 166 28.11 -6.23 6.11
CA GLN E 166 28.49 -6.11 7.51
C GLN E 166 27.77 -4.94 8.17
N ASP E 167 27.17 -5.21 9.33
CA ASP E 167 26.38 -4.19 10.03
C ASP E 167 27.26 -3.00 10.39
N SER E 168 26.81 -1.80 10.04
CA SER E 168 27.61 -0.59 10.23
C SER E 168 27.72 -0.19 11.70
N LYS E 169 26.92 -0.84 12.55
CA LYS E 169 26.99 -0.57 13.98
C LYS E 169 27.89 -1.58 14.71
N ASP E 170 27.45 -2.84 14.79
CA ASP E 170 28.15 -3.81 15.63
C ASP E 170 29.06 -4.77 14.84
N SER E 171 29.22 -4.50 13.55
CA SER E 171 30.13 -5.28 12.69
C SER E 171 29.78 -6.76 12.60
N THR E 172 28.53 -7.10 12.85
CA THR E 172 28.09 -8.48 12.70
C THR E 172 27.51 -8.71 11.32
N TYR E 173 27.18 -9.97 11.03
CA TYR E 173 26.46 -10.31 9.82
C TYR E 173 25.13 -10.94 10.18
N SER E 174 24.19 -10.92 9.23
CA SER E 174 22.93 -11.62 9.37
C SER E 174 22.62 -12.35 8.08
N MET E 175 21.84 -13.42 8.18
CA MET E 175 21.47 -14.19 7.00
C MET E 175 20.02 -14.65 7.07
N SER E 176 19.33 -14.57 5.94
CA SER E 176 17.99 -15.13 5.83
C SER E 176 18.05 -16.41 5.02
N SER E 177 17.44 -17.47 5.53
CA SER E 177 17.30 -18.71 4.78
C SER E 177 15.83 -18.93 4.51
N THR E 178 15.48 -19.07 3.23
CA THR E 178 14.08 -19.23 2.84
C THR E 178 13.85 -20.53 2.08
N LEU E 179 12.99 -21.37 2.64
CA LEU E 179 12.56 -22.60 1.97
C LEU E 179 11.23 -22.36 1.29
N THR E 180 11.22 -22.45 -0.04
CA THR E 180 10.01 -22.14 -0.80
C THR E 180 9.40 -23.39 -1.42
N LEU E 181 8.16 -23.66 -1.07
CA LEU E 181 7.43 -24.82 -1.56
C LEU E 181 6.14 -24.39 -2.23
N THR E 182 5.46 -25.31 -2.89
CA THR E 182 4.10 -25.06 -3.34
C THR E 182 3.19 -25.16 -2.12
N LYS E 183 2.01 -24.55 -2.20
CA LYS E 183 1.03 -24.67 -1.12
C LYS E 183 0.67 -26.14 -0.89
N ASP E 184 0.49 -26.89 -1.97
CA ASP E 184 0.11 -28.29 -1.87
C ASP E 184 1.17 -29.13 -1.17
N GLU E 185 2.45 -28.91 -1.48
CA GLU E 185 3.50 -29.68 -0.82
C GLU E 185 3.65 -29.27 0.63
N TYR E 186 3.47 -27.98 0.91
CA TYR E 186 3.54 -27.49 2.29
C TYR E 186 2.46 -28.16 3.15
N GLU E 187 1.28 -28.37 2.57
CA GLU E 187 0.16 -28.94 3.31
C GLU E 187 0.18 -30.46 3.28
N ARG E 188 1.22 -31.03 2.66
CA ARG E 188 1.42 -32.47 2.68
C ARG E 188 2.42 -32.85 3.77
N HIS E 189 2.79 -31.85 4.59
CA HIS E 189 3.73 -32.06 5.68
C HIS E 189 3.34 -31.24 6.90
N ASN E 190 3.89 -31.59 8.06
CA ASN E 190 3.49 -30.95 9.31
C ASN E 190 4.63 -30.24 10.05
N SER E 191 5.74 -30.95 10.24
CA SER E 191 6.85 -30.39 11.00
C SER E 191 7.89 -29.71 10.10
N TYR E 192 8.24 -28.49 10.46
CA TYR E 192 9.23 -27.72 9.70
C TYR E 192 10.30 -27.19 10.64
N THR E 193 11.56 -27.48 10.31
CA THR E 193 12.66 -27.18 11.22
C THR E 193 13.85 -26.56 10.51
N CYS E 194 14.42 -25.52 11.11
CA CYS E 194 15.62 -24.87 10.63
CA CYS E 194 15.65 -24.96 10.60
C CYS E 194 16.74 -25.05 11.65
N GLU E 195 17.90 -25.55 11.21
CA GLU E 195 19.03 -25.78 12.11
C GLU E 195 20.25 -24.99 11.70
N ALA E 196 20.73 -24.13 12.58
CA ALA E 196 21.88 -23.28 12.29
C ALA E 196 23.14 -23.78 12.98
N THR E 197 24.19 -23.98 12.20
CA THR E 197 25.47 -24.40 12.75
C THR E 197 26.53 -23.33 12.52
N HIS E 198 27.10 -22.85 13.62
CA HIS E 198 28.08 -21.78 13.58
C HIS E 198 29.28 -22.16 14.44
N LYS E 199 30.45 -21.59 14.16
CA LYS E 199 31.68 -21.98 14.84
C LYS E 199 31.65 -21.66 16.33
N THR E 200 30.68 -20.84 16.74
CA THR E 200 30.55 -20.46 18.15
C THR E 200 30.11 -21.63 19.03
N SER E 201 29.63 -22.70 18.42
CA SER E 201 29.21 -23.88 19.17
C SER E 201 29.15 -25.13 18.29
N THR E 202 29.47 -26.28 18.88
CA THR E 202 29.37 -27.55 18.17
C THR E 202 27.92 -27.99 18.07
N SER E 203 27.10 -27.47 18.98
CA SER E 203 25.67 -27.77 18.98
C SER E 203 24.92 -26.78 18.10
N PRO E 204 24.14 -27.28 17.14
CA PRO E 204 23.34 -26.40 16.27
C PRO E 204 22.18 -25.75 17.00
N ILE E 205 21.77 -24.58 16.52
CA ILE E 205 20.60 -23.90 17.06
C ILE E 205 19.36 -24.31 16.26
N VAL E 206 18.36 -24.84 16.95
CA VAL E 206 17.22 -25.45 16.28
C VAL E 206 15.90 -24.73 16.58
N LYS E 207 15.23 -24.30 15.51
CA LYS E 207 13.90 -23.70 15.64
C LYS E 207 12.90 -24.46 14.77
N SER E 208 11.72 -24.72 15.33
CA SER E 208 10.75 -25.56 14.65
C SER E 208 9.31 -25.12 14.90
N PHE E 209 8.38 -25.67 14.11
CA PHE E 209 6.96 -25.46 14.31
C PHE E 209 6.16 -26.54 13.60
N ASN E 210 4.93 -26.79 14.07
CA ASN E 210 4.03 -27.69 13.37
C ASN E 210 2.95 -26.90 12.63
N ARG E 211 2.73 -27.27 11.37
CA ARG E 211 1.96 -26.50 10.39
C ARG E 211 0.70 -25.83 10.94
N ASN E 212 -0.21 -26.62 11.50
CA ASN E 212 -1.42 -26.07 12.10
C ASN E 212 -1.61 -26.52 13.54
N GLU E 213 -0.62 -26.23 14.37
CA GLU E 213 -0.67 -26.58 15.79
C GLU E 213 -0.15 -25.43 16.65
N GLU F 1 29.08 23.60 -7.36
CA GLU F 1 30.18 22.67 -7.59
C GLU F 1 29.91 21.83 -8.84
N VAL F 2 30.97 21.26 -9.40
CA VAL F 2 30.85 20.35 -10.53
C VAL F 2 29.84 19.25 -10.21
N GLN F 3 28.93 18.99 -11.14
CA GLN F 3 27.98 17.90 -10.98
C GLN F 3 27.76 17.16 -12.30
N LEU F 4 27.82 15.84 -12.22
CA LEU F 4 27.48 14.98 -13.36
C LEU F 4 26.21 14.22 -13.00
N GLN F 5 25.11 14.56 -13.66
CA GLN F 5 23.81 14.00 -13.33
C GLN F 5 23.34 12.97 -14.35
N GLN F 6 23.29 11.70 -13.94
CA GLN F 6 22.96 10.64 -14.88
C GLN F 6 21.46 10.32 -14.86
N SER F 7 20.98 9.75 -15.96
CA SER F 7 19.58 9.36 -16.08
C SER F 7 19.28 8.14 -15.21
N GLY F 8 17.99 7.84 -15.05
CA GLY F 8 17.55 6.83 -14.10
C GLY F 8 17.76 5.38 -14.54
N PRO F 9 17.41 4.44 -13.66
CA PRO F 9 17.56 3.00 -13.91
C PRO F 9 16.79 2.55 -15.15
N GLU F 10 17.36 1.57 -15.86
CA GLU F 10 16.75 1.09 -17.09
C GLU F 10 16.55 -0.43 -17.05
N LEU F 11 15.37 -0.86 -17.50
CA LEU F 11 15.10 -2.27 -17.74
C LEU F 11 14.85 -2.48 -19.23
N VAL F 12 15.67 -3.32 -19.86
CA VAL F 12 15.57 -3.55 -21.30
C VAL F 12 15.59 -5.05 -21.62
N LYS F 13 14.82 -5.46 -22.63
CA LYS F 13 14.79 -6.86 -23.06
C LYS F 13 16.06 -7.23 -23.83
N PRO F 14 16.46 -8.51 -23.74
CA PRO F 14 17.63 -9.02 -24.47
C PRO F 14 17.56 -8.73 -25.97
N GLY F 15 18.66 -8.27 -26.55
CA GLY F 15 18.72 -8.02 -27.97
C GLY F 15 18.37 -6.59 -28.36
N ALA F 16 17.73 -5.87 -27.44
CA ALA F 16 17.34 -4.50 -27.71
C ALA F 16 18.45 -3.51 -27.38
N SER F 17 18.13 -2.23 -27.43
CA SER F 17 19.12 -1.18 -27.20
C SER F 17 18.66 -0.22 -26.12
N VAL F 18 19.59 0.58 -25.60
CA VAL F 18 19.25 1.59 -24.59
C VAL F 18 20.20 2.79 -24.71
N LYS F 19 19.67 3.98 -24.43
CA LYS F 19 20.47 5.20 -24.48
C LYS F 19 20.39 5.94 -23.14
N ILE F 20 21.52 6.05 -22.46
CA ILE F 20 21.56 6.71 -21.16
C ILE F 20 22.31 8.03 -21.25
N SER F 21 21.99 8.96 -20.35
CA SER F 21 22.54 10.31 -20.45
C SER F 21 23.31 10.74 -19.21
N CYS F 22 24.13 11.78 -19.39
CA CYS F 22 24.95 12.35 -18.33
C CYS F 22 25.02 13.86 -18.52
N LYS F 23 24.27 14.60 -17.71
CA LYS F 23 24.23 16.06 -17.83
C LYS F 23 25.23 16.72 -16.91
N ALA F 24 26.12 17.52 -17.48
CA ALA F 24 27.17 18.17 -16.71
C ALA F 24 26.80 19.61 -16.37
N SER F 25 27.18 20.03 -15.17
CA SER F 25 26.96 21.42 -14.76
C SER F 25 28.07 21.87 -13.83
N GLY F 26 28.22 23.18 -13.68
CA GLY F 26 29.20 23.72 -12.74
C GLY F 26 30.58 23.89 -13.33
N TYR F 27 30.70 23.69 -14.63
CA TYR F 27 31.96 23.95 -15.32
C TYR F 27 31.72 24.11 -16.82
N THR F 28 32.78 24.49 -17.54
CA THR F 28 32.71 24.63 -18.98
C THR F 28 32.83 23.26 -19.65
N PHE F 29 31.73 22.80 -20.20
CA PHE F 29 31.60 21.42 -20.70
C PHE F 29 32.74 20.99 -21.62
N THR F 30 33.15 21.87 -22.53
CA THR F 30 34.17 21.54 -23.51
C THR F 30 35.59 21.46 -22.92
N ASP F 31 35.76 21.86 -21.68
CA ASP F 31 37.08 21.84 -21.05
C ASP F 31 37.54 20.43 -20.70
N TYR F 32 36.62 19.48 -20.71
CA TYR F 32 36.93 18.13 -20.26
C TYR F 32 36.37 17.07 -21.20
N TYR F 33 37.13 15.99 -21.39
CA TYR F 33 36.59 14.78 -21.99
C TYR F 33 35.47 14.24 -21.10
N MET F 34 34.47 13.62 -21.71
CA MET F 34 33.54 12.83 -20.91
C MET F 34 33.81 11.35 -21.19
N ASN F 35 33.85 10.56 -20.12
CA ASN F 35 34.12 9.14 -20.23
C ASN F 35 32.94 8.33 -19.75
N TRP F 36 32.90 7.07 -20.18
CA TRP F 36 31.95 6.13 -19.62
C TRP F 36 32.67 4.91 -19.08
N VAL F 37 32.22 4.44 -17.93
CA VAL F 37 32.87 3.36 -17.20
C VAL F 37 31.83 2.35 -16.77
N LYS F 38 32.13 1.06 -16.96
CA LYS F 38 31.20 -0.01 -16.60
C LYS F 38 31.64 -0.72 -15.33
N LEU F 39 30.69 -0.94 -14.41
CA LEU F 39 30.95 -1.71 -13.22
C LEU F 39 30.04 -2.93 -13.16
N SER F 40 30.63 -4.12 -13.32
CA SER F 40 29.85 -5.36 -13.36
C SER F 40 30.43 -6.40 -12.40
N HIS F 41 29.65 -7.44 -12.14
CA HIS F 41 30.10 -8.51 -11.25
C HIS F 41 31.18 -9.34 -11.91
N GLY F 42 31.01 -9.64 -13.19
CA GLY F 42 31.94 -10.49 -13.91
C GLY F 42 33.28 -9.88 -14.23
N LYS F 43 33.31 -8.57 -14.46
CA LYS F 43 34.54 -7.93 -14.93
C LYS F 43 34.90 -6.63 -14.20
N SER F 44 34.23 -6.37 -13.08
CA SER F 44 34.51 -5.20 -12.24
C SER F 44 34.46 -3.89 -13.03
N LEU F 45 35.48 -3.05 -12.87
CA LEU F 45 35.52 -1.74 -13.53
C LEU F 45 36.19 -1.78 -14.90
N GLU F 46 35.48 -1.31 -15.92
CA GLU F 46 36.03 -1.23 -17.28
C GLU F 46 35.79 0.14 -17.89
N TRP F 47 36.82 0.69 -18.53
CA TRP F 47 36.70 1.93 -19.28
C TRP F 47 36.15 1.64 -20.67
N ILE F 48 35.02 2.28 -21.00
CA ILE F 48 34.36 2.04 -22.28
C ILE F 48 34.93 2.93 -23.39
N GLY F 49 35.12 4.21 -23.08
CA GLY F 49 35.65 5.15 -24.05
C GLY F 49 35.42 6.58 -23.65
N ASP F 50 35.95 7.53 -24.43
CA ASP F 50 35.73 8.94 -24.16
C ASP F 50 35.22 9.69 -25.38
N ILE F 51 34.84 10.95 -25.17
CA ILE F 51 34.37 11.80 -26.25
C ILE F 51 34.73 13.26 -26.00
N VAL F 52 35.11 13.95 -27.07
CA VAL F 52 35.42 15.37 -27.03
C VAL F 52 34.15 16.17 -27.28
N PRO F 53 33.66 16.87 -26.24
CA PRO F 53 32.39 17.60 -26.35
C PRO F 53 32.39 18.64 -27.46
N ASN F 54 33.53 19.26 -27.72
CA ASN F 54 33.61 20.34 -28.70
C ASN F 54 33.27 19.91 -30.13
N ASN F 55 33.67 18.69 -30.50
CA ASN F 55 33.46 18.24 -31.87
C ASN F 55 32.91 16.82 -31.99
N GLY F 56 32.72 16.15 -30.86
CA GLY F 56 32.13 14.82 -30.85
C GLY F 56 33.08 13.70 -31.22
N ASP F 57 34.38 14.02 -31.29
CA ASP F 57 35.39 12.99 -31.57
C ASP F 57 35.41 11.94 -30.46
N THR F 58 35.46 10.68 -30.84
CA THR F 58 35.39 9.58 -29.90
C THR F 58 36.61 8.66 -29.93
N THR F 59 36.91 8.09 -28.77
CA THR F 59 37.93 7.05 -28.64
C THR F 59 37.35 5.89 -27.85
N TYR F 60 37.40 4.69 -28.40
CA TYR F 60 36.78 3.53 -27.75
C TYR F 60 37.77 2.48 -27.27
N ASN F 61 37.43 1.85 -26.14
CA ASN F 61 37.98 0.56 -25.79
C ASN F 61 37.48 -0.42 -26.85
N GLN F 62 38.39 -1.09 -27.55
CA GLN F 62 37.99 -1.94 -28.67
C GLN F 62 37.08 -3.09 -28.19
N ASN F 63 37.18 -3.44 -26.91
CA ASN F 63 36.28 -4.43 -26.33
C ASN F 63 34.82 -3.97 -26.39
N PHE F 64 34.60 -2.66 -26.48
CA PHE F 64 33.25 -2.12 -26.52
C PHE F 64 32.86 -1.58 -27.89
N ARG F 65 33.75 -1.69 -28.86
CA ARG F 65 33.40 -1.37 -30.24
C ARG F 65 32.33 -2.34 -30.73
N GLY F 66 31.23 -1.80 -31.25
CA GLY F 66 30.13 -2.62 -31.69
C GLY F 66 29.11 -2.85 -30.60
N LYS F 67 29.40 -2.33 -29.41
CA LYS F 67 28.49 -2.42 -28.27
C LYS F 67 28.02 -1.03 -27.87
N ALA F 68 28.98 -0.12 -27.67
CA ALA F 68 28.68 1.22 -27.16
C ALA F 68 28.93 2.30 -28.21
N THR F 69 28.03 3.28 -28.26
CA THR F 69 28.20 4.46 -29.11
C THR F 69 28.09 5.72 -28.27
N LEU F 70 29.13 6.56 -28.32
CA LEU F 70 29.13 7.79 -27.55
C LEU F 70 28.78 8.99 -28.41
N THR F 71 27.90 9.84 -27.90
CA THR F 71 27.55 11.10 -28.56
C THR F 71 27.48 12.22 -27.54
N VAL F 72 27.43 13.46 -28.02
CA VAL F 72 27.26 14.61 -27.13
C VAL F 72 26.32 15.66 -27.73
N ASP F 73 25.65 16.39 -26.85
CA ASP F 73 24.91 17.59 -27.22
C ASP F 73 25.45 18.74 -26.38
N LYS F 74 26.45 19.44 -26.90
CA LYS F 74 27.15 20.44 -26.10
C LYS F 74 26.26 21.63 -25.76
N SER F 75 25.23 21.86 -26.56
CA SER F 75 24.31 22.96 -26.32
C SER F 75 23.54 22.74 -25.01
N SER F 76 23.38 21.48 -24.63
CA SER F 76 22.69 21.14 -23.39
C SER F 76 23.65 20.53 -22.38
N SER F 77 24.94 20.56 -22.70
CA SER F 77 25.99 20.01 -21.84
C SER F 77 25.70 18.58 -21.41
N THR F 78 25.21 17.77 -22.36
CA THR F 78 24.84 16.39 -22.05
C THR F 78 25.60 15.40 -22.92
N ALA F 79 26.15 14.37 -22.29
CA ALA F 79 26.78 13.27 -23.00
C ALA F 79 25.86 12.06 -22.99
N TYR F 80 25.94 11.25 -24.03
CA TYR F 80 25.08 10.07 -24.17
C TYR F 80 25.88 8.82 -24.46
N MET F 81 25.41 7.69 -23.96
CA MET F 81 25.93 6.40 -24.40
C MET F 81 24.80 5.48 -24.79
N GLU F 82 24.90 4.90 -25.98
CA GLU F 82 23.92 3.95 -26.45
C GLU F 82 24.54 2.56 -26.51
N LEU F 83 23.86 1.60 -25.86
CA LEU F 83 24.31 0.22 -25.85
C LEU F 83 23.36 -0.61 -26.70
N ARG F 84 23.91 -1.40 -27.62
CA ARG F 84 23.09 -2.19 -28.54
C ARG F 84 23.26 -3.69 -28.30
N SER F 85 22.34 -4.48 -28.85
CA SER F 85 22.38 -5.94 -28.76
C SER F 85 22.58 -6.42 -27.34
N LEU F 86 21.76 -5.92 -26.43
CA LEU F 86 21.96 -6.13 -25.00
C LEU F 86 21.82 -7.58 -24.56
N THR F 87 22.71 -7.99 -23.66
CA THR F 87 22.71 -9.33 -23.10
C THR F 87 22.87 -9.26 -21.58
N SER F 88 22.87 -10.42 -20.93
CA SER F 88 23.02 -10.46 -19.47
C SER F 88 24.31 -9.80 -19.00
N GLU F 89 25.39 -9.98 -19.75
CA GLU F 89 26.68 -9.43 -19.36
C GLU F 89 26.71 -7.91 -19.47
N ASP F 90 25.67 -7.33 -20.07
CA ASP F 90 25.55 -5.88 -20.16
C ASP F 90 24.84 -5.30 -18.94
N SER F 91 24.18 -6.16 -18.16
CA SER F 91 23.60 -5.73 -16.90
C SER F 91 24.73 -5.28 -15.98
N ALA F 92 24.68 -4.01 -15.58
CA ALA F 92 25.76 -3.40 -14.83
C ALA F 92 25.36 -2.01 -14.37
N VAL F 93 26.25 -1.38 -13.59
CA VAL F 93 26.13 0.03 -13.29
C VAL F 93 27.09 0.80 -14.19
N TYR F 94 26.57 1.80 -14.88
CA TYR F 94 27.38 2.59 -15.81
C TYR F 94 27.60 3.99 -15.26
N TYR F 95 28.86 4.41 -15.24
CA TYR F 95 29.24 5.74 -14.78
C TYR F 95 29.70 6.62 -15.92
N CYS F 96 29.38 7.91 -15.84
CA CYS F 96 30.11 8.89 -16.63
C CYS F 96 31.12 9.55 -15.70
N ALA F 97 32.26 9.94 -16.24
CA ALA F 97 33.30 10.61 -15.46
C ALA F 97 34.14 11.46 -16.38
N ARG F 98 34.58 12.61 -15.88
CA ARG F 98 35.35 13.54 -16.70
C ARG F 98 36.85 13.46 -16.41
N PHE F 99 37.67 13.84 -17.40
CA PHE F 99 39.06 14.21 -17.14
C PHE F 99 39.53 15.25 -18.16
N SER F 100 40.63 15.92 -17.85
CA SER F 100 41.18 16.94 -18.74
C SER F 100 41.83 16.32 -19.98
N ASN F 101 42.43 15.15 -19.78
CA ASN F 101 43.04 14.36 -20.84
C ASN F 101 43.31 12.97 -20.25
N TYR F 102 43.62 11.97 -21.06
CA TYR F 102 43.54 10.60 -20.56
C TYR F 102 44.66 10.21 -19.59
N VAL F 103 45.68 11.05 -19.46
CA VAL F 103 46.72 10.81 -18.46
C VAL F 103 46.36 11.46 -17.12
N TYR F 104 45.21 12.13 -17.07
CA TYR F 104 44.77 12.81 -15.86
C TYR F 104 43.65 12.02 -15.17
N PRO F 105 43.53 12.14 -13.84
CA PRO F 105 42.54 11.29 -13.15
C PRO F 105 41.09 11.71 -13.40
N PHE F 106 40.18 10.76 -13.21
CA PHE F 106 38.75 11.04 -13.22
C PHE F 106 38.38 11.78 -11.94
N ASP F 107 38.35 13.11 -11.97
CA ASP F 107 38.20 13.86 -10.73
C ASP F 107 36.75 14.08 -10.31
N TYR F 108 35.81 13.86 -11.24
CA TYR F 108 34.39 13.91 -10.91
C TYR F 108 33.61 12.80 -11.63
N TRP F 109 32.76 12.12 -10.88
CA TRP F 109 31.97 11.00 -11.38
C TRP F 109 30.46 11.26 -11.27
N GLY F 110 29.70 10.68 -12.19
CA GLY F 110 28.25 10.69 -12.08
C GLY F 110 27.84 9.70 -11.00
N GLN F 111 26.55 9.67 -10.66
CA GLN F 111 26.08 8.82 -9.56
C GLN F 111 25.86 7.37 -10.01
N GLY F 112 26.01 7.13 -11.31
CA GLY F 112 25.82 5.80 -11.85
C GLY F 112 24.40 5.58 -12.34
N THR F 113 24.29 4.75 -13.37
CA THR F 113 23.00 4.33 -13.92
C THR F 113 22.96 2.82 -13.98
N THR F 114 21.97 2.23 -13.32
CA THR F 114 21.85 0.77 -13.29
C THR F 114 21.05 0.24 -14.48
N LEU F 115 21.67 -0.63 -15.26
CA LEU F 115 21.00 -1.29 -16.37
C LEU F 115 20.69 -2.74 -16.04
N THR F 116 19.45 -3.14 -16.23
CA THR F 116 19.06 -4.54 -16.10
C THR F 116 18.59 -5.06 -17.45
N VAL F 117 19.26 -6.11 -17.95
CA VAL F 117 18.86 -6.75 -19.19
C VAL F 117 18.20 -8.08 -18.88
N SER F 118 16.90 -8.17 -19.14
CA SER F 118 16.15 -9.38 -18.85
C SER F 118 14.84 -9.45 -19.62
N SER F 119 14.35 -10.67 -19.83
CA SER F 119 13.06 -10.87 -20.48
C SER F 119 11.93 -10.77 -19.45
N ALA F 120 12.28 -10.80 -18.17
CA ALA F 120 11.29 -10.66 -17.10
C ALA F 120 10.58 -9.32 -17.18
N LYS F 121 9.26 -9.34 -17.00
CA LYS F 121 8.47 -8.13 -17.09
C LYS F 121 8.37 -7.43 -15.75
N THR F 122 8.15 -6.12 -15.79
CA THR F 122 7.94 -5.33 -14.58
C THR F 122 6.79 -5.90 -13.77
N THR F 123 7.06 -6.24 -12.52
CA THR F 123 6.10 -6.94 -11.67
C THR F 123 6.07 -6.36 -10.26
N ALA F 124 4.89 -6.05 -9.75
CA ALA F 124 4.74 -5.53 -8.41
C ALA F 124 4.93 -6.63 -7.37
N PRO F 125 5.48 -6.29 -6.20
CA PRO F 125 5.70 -7.32 -5.18
C PRO F 125 4.44 -7.77 -4.47
N SER F 126 4.44 -9.00 -4.00
CA SER F 126 3.49 -9.42 -2.97
C SER F 126 4.19 -9.21 -1.63
N VAL F 127 3.48 -8.63 -0.67
CA VAL F 127 4.09 -8.36 0.62
C VAL F 127 3.41 -9.18 1.71
N TYR F 128 4.19 -10.01 2.38
CA TYR F 128 3.66 -10.94 3.37
C TYR F 128 4.19 -10.66 4.78
N PRO F 129 3.28 -10.59 5.76
CA PRO F 129 3.68 -10.35 7.15
C PRO F 129 4.22 -11.60 7.81
N LEU F 130 5.34 -11.49 8.51
CA LEU F 130 5.90 -12.62 9.22
C LEU F 130 5.80 -12.42 10.72
N ALA F 131 4.77 -13.02 11.32
CA ALA F 131 4.58 -12.97 12.77
C ALA F 131 5.24 -14.18 13.41
N PRO F 132 5.61 -14.07 14.70
CA PRO F 132 6.27 -15.20 15.37
C PRO F 132 5.41 -16.46 15.37
N VAL F 133 6.05 -17.61 15.58
CA VAL F 133 5.36 -18.90 15.59
C VAL F 133 4.17 -18.88 16.55
N CYS F 134 3.05 -19.44 16.10
CA CYS F 134 1.84 -19.45 16.89
C CYS F 134 2.00 -20.37 18.11
N GLY F 135 2.72 -19.86 19.12
CA GLY F 135 2.95 -20.63 20.33
C GLY F 135 4.35 -20.45 20.90
N ASP F 136 4.50 -19.41 21.74
CA ASP F 136 5.71 -19.17 22.53
C ASP F 136 6.95 -18.82 21.70
N THR F 137 7.75 -17.91 22.23
CA THR F 137 9.06 -17.60 21.68
C THR F 137 10.03 -17.26 22.81
N THR F 138 11.16 -17.96 22.85
CA THR F 138 12.14 -17.77 23.91
C THR F 138 12.82 -16.41 23.83
N GLY F 139 12.90 -15.72 24.97
CA GLY F 139 13.59 -14.45 25.04
C GLY F 139 12.72 -13.26 25.39
N SER F 140 13.37 -12.20 25.85
CA SER F 140 12.68 -10.97 26.21
C SER F 140 12.46 -10.07 25.00
N SER F 141 13.09 -10.42 23.89
CA SER F 141 12.91 -9.68 22.64
C SER F 141 12.06 -10.48 21.67
N VAL F 142 11.46 -9.79 20.71
CA VAL F 142 10.67 -10.45 19.68
C VAL F 142 11.12 -9.99 18.29
N THR F 143 11.21 -10.93 17.36
CA THR F 143 11.61 -10.61 16.01
C THR F 143 10.44 -10.81 15.05
N LEU F 144 10.18 -9.80 14.23
CA LEU F 144 9.13 -9.85 13.22
C LEU F 144 9.77 -9.79 11.84
N GLY F 145 9.01 -10.14 10.81
CA GLY F 145 9.54 -10.09 9.46
C GLY F 145 8.58 -9.56 8.42
N CYS F 146 9.14 -9.21 7.27
CA CYS F 146 8.37 -8.77 6.12
C CYS F 146 8.95 -9.48 4.91
N LEU F 147 8.12 -10.24 4.21
CA LEU F 147 8.58 -10.96 3.02
C LEU F 147 8.06 -10.29 1.77
N VAL F 148 8.98 -9.86 0.92
CA VAL F 148 8.65 -9.12 -0.30
C VAL F 148 9.01 -9.98 -1.51
N LYS F 149 8.00 -10.59 -2.12
CA LYS F 149 8.24 -11.67 -3.07
C LYS F 149 7.71 -11.41 -4.47
N GLY F 150 8.54 -11.76 -5.45
CA GLY F 150 8.11 -11.79 -6.85
C GLY F 150 7.99 -10.44 -7.51
N TYR F 151 8.93 -9.55 -7.25
CA TYR F 151 8.92 -8.24 -7.90
C TYR F 151 10.04 -8.11 -8.92
N PHE F 152 9.86 -7.17 -9.84
CA PHE F 152 10.86 -6.92 -10.88
C PHE F 152 10.62 -5.56 -11.51
N PRO F 153 11.69 -4.81 -11.81
CA PRO F 153 13.08 -5.08 -11.45
C PRO F 153 13.40 -4.51 -10.08
N GLU F 154 14.67 -4.54 -9.68
CA GLU F 154 15.13 -3.80 -8.52
C GLU F 154 14.99 -2.30 -8.79
N PRO F 155 14.85 -1.48 -7.73
CA PRO F 155 14.83 -1.85 -6.32
C PRO F 155 13.47 -1.72 -5.66
N VAL F 156 13.41 -2.13 -4.40
CA VAL F 156 12.31 -1.77 -3.51
C VAL F 156 12.90 -0.98 -2.37
N THR F 157 12.06 -0.17 -1.73
CA THR F 157 12.43 0.44 -0.47
C THR F 157 11.55 -0.17 0.60
N LEU F 158 12.15 -0.54 1.71
CA LEU F 158 11.41 -1.12 2.82
C LEU F 158 11.73 -0.36 4.10
N THR F 159 10.69 0.12 4.77
CA THR F 159 10.85 0.74 6.08
C THR F 159 9.92 0.09 7.10
N TRP F 160 10.15 0.39 8.37
CA TRP F 160 9.29 -0.08 9.45
C TRP F 160 8.69 1.10 10.19
N ASN F 161 7.37 1.13 10.28
CA ASN F 161 6.64 2.24 10.90
C ASN F 161 7.08 3.58 10.33
N SER F 162 7.25 3.61 9.01
CA SER F 162 7.62 4.82 8.28
C SER F 162 8.88 5.48 8.84
N GLY F 163 9.83 4.67 9.27
CA GLY F 163 11.11 5.16 9.72
C GLY F 163 11.24 5.36 11.21
N SER F 164 10.12 5.30 11.92
CA SER F 164 10.12 5.44 13.37
C SER F 164 10.88 4.30 14.03
N LEU F 165 10.82 3.14 13.38
CA LEU F 165 11.54 1.97 13.83
C LEU F 165 12.72 1.72 12.89
N SER F 166 13.92 2.02 13.37
CA SER F 166 15.11 1.90 12.53
C SER F 166 16.17 1.01 13.17
N SER F 167 16.26 1.03 14.49
CA SER F 167 17.18 0.16 15.20
C SER F 167 16.70 -1.28 15.15
N GLY F 168 17.64 -2.21 15.15
CA GLY F 168 17.32 -3.63 15.18
C GLY F 168 16.69 -4.16 13.90
N VAL F 169 16.99 -3.50 12.79
CA VAL F 169 16.47 -3.89 11.48
C VAL F 169 17.55 -4.57 10.65
N HIS F 170 17.18 -5.65 9.96
CA HIS F 170 18.05 -6.28 8.98
C HIS F 170 17.29 -6.47 7.67
N THR F 171 17.70 -5.78 6.62
CA THR F 171 17.08 -5.97 5.33
C THR F 171 18.03 -6.74 4.41
N PHE F 172 17.61 -7.92 4.01
CA PHE F 172 18.47 -8.85 3.29
C PHE F 172 18.43 -8.61 1.79
N PRO F 173 19.60 -8.61 1.14
CA PRO F 173 19.71 -8.36 -0.30
C PRO F 173 18.79 -9.28 -1.10
N ALA F 174 18.17 -8.72 -2.13
CA ALA F 174 17.20 -9.48 -2.93
C ALA F 174 17.89 -10.60 -3.71
N ILE F 175 17.18 -11.71 -3.86
CA ILE F 175 17.67 -12.87 -4.58
C ILE F 175 16.77 -13.18 -5.77
N LEU F 176 17.36 -13.57 -6.90
CA LEU F 176 16.57 -13.97 -8.05
C LEU F 176 15.89 -15.32 -7.83
N GLN F 177 14.60 -15.36 -8.14
CA GLN F 177 13.79 -16.56 -7.97
C GLN F 177 12.85 -16.68 -9.16
N SER F 178 13.17 -17.58 -10.08
CA SER F 178 12.48 -17.70 -11.37
C SER F 178 12.45 -16.36 -12.09
N ASP F 179 13.61 -15.71 -12.14
CA ASP F 179 13.81 -14.43 -12.81
C ASP F 179 13.06 -13.27 -12.15
N LEU F 180 12.47 -13.50 -10.98
CA LEU F 180 11.86 -12.43 -10.20
C LEU F 180 12.61 -12.29 -8.88
N TYR F 181 12.52 -11.11 -8.27
CA TYR F 181 13.24 -10.85 -7.03
C TYR F 181 12.43 -11.15 -5.77
N THR F 182 13.11 -11.62 -4.74
CA THR F 182 12.50 -11.82 -3.44
C THR F 182 13.41 -11.26 -2.37
N LEU F 183 12.82 -10.50 -1.45
CA LEU F 183 13.55 -9.85 -0.38
C LEU F 183 12.82 -10.07 0.94
N SER F 184 13.58 -10.13 2.03
CA SER F 184 12.98 -10.15 3.35
C SER F 184 13.65 -9.12 4.25
N SER F 185 12.94 -8.71 5.29
CA SER F 185 13.51 -7.85 6.30
C SER F 185 13.05 -8.29 7.68
N SER F 186 13.95 -8.24 8.65
CA SER F 186 13.59 -8.55 10.02
C SER F 186 13.73 -7.30 10.90
N VAL F 187 12.88 -7.21 11.90
CA VAL F 187 13.01 -6.17 12.91
C VAL F 187 12.85 -6.80 14.29
N THR F 188 13.72 -6.41 15.21
CA THR F 188 13.71 -6.97 16.56
C THR F 188 13.44 -5.86 17.56
N VAL F 189 12.44 -6.07 18.40
CA VAL F 189 12.07 -5.11 19.42
C VAL F 189 11.88 -5.82 20.76
N THR F 190 11.76 -5.05 21.83
CA THR F 190 11.49 -5.65 23.15
C THR F 190 10.08 -6.23 23.16
N SER F 191 9.83 -7.21 24.02
CA SER F 191 8.50 -7.79 24.13
C SER F 191 7.51 -6.72 24.60
N SER F 192 8.02 -5.72 25.30
CA SER F 192 7.21 -4.61 25.79
C SER F 192 6.68 -3.75 24.64
N THR F 193 7.32 -3.87 23.47
CA THR F 193 6.99 -3.02 22.32
C THR F 193 5.87 -3.60 21.46
N TRP F 194 5.95 -4.89 21.18
CA TRP F 194 5.00 -5.57 20.30
C TRP F 194 4.47 -6.82 21.01
N PRO F 195 3.16 -7.09 20.88
CA PRO F 195 2.17 -6.43 20.02
C PRO F 195 1.43 -5.25 20.63
N SER F 196 1.89 -4.72 21.76
CA SER F 196 1.20 -3.60 22.39
C SER F 196 1.23 -2.34 21.50
N GLN F 197 2.30 -2.18 20.73
CA GLN F 197 2.37 -1.13 19.73
C GLN F 197 2.24 -1.73 18.34
N SER F 198 1.61 -1.00 17.43
CA SER F 198 1.51 -1.45 16.05
C SER F 198 2.86 -1.41 15.36
N ILE F 199 3.17 -2.47 14.60
CA ILE F 199 4.35 -2.47 13.76
C ILE F 199 3.96 -2.81 12.32
N THR F 200 4.32 -1.92 11.40
CA THR F 200 3.93 -2.03 10.02
C THR F 200 5.15 -2.00 9.11
N CYS F 201 5.22 -2.92 8.15
CA CYS F 201 6.28 -2.80 7.18
CA CYS F 201 6.23 -2.92 7.12
C CYS F 201 5.76 -2.03 5.96
N ASN F 202 6.58 -1.07 5.53
CA ASN F 202 6.22 -0.22 4.40
C ASN F 202 7.09 -0.54 3.20
N VAL F 203 6.46 -0.93 2.10
CA VAL F 203 7.20 -1.34 0.90
C VAL F 203 6.84 -0.45 -0.28
N ALA F 204 7.86 0.11 -0.92
CA ALA F 204 7.65 0.87 -2.15
C ALA F 204 8.39 0.22 -3.31
N HIS F 205 7.71 0.07 -4.44
CA HIS F 205 8.33 -0.41 -5.66
C HIS F 205 8.09 0.59 -6.77
N PRO F 206 9.05 1.50 -6.98
CA PRO F 206 8.90 2.61 -7.93
C PRO F 206 8.57 2.17 -9.35
N ALA F 207 9.19 1.09 -9.82
CA ALA F 207 9.01 0.66 -11.21
C ALA F 207 7.57 0.32 -11.55
N SER F 208 6.82 -0.18 -10.56
CA SER F 208 5.42 -0.53 -10.78
C SER F 208 4.47 0.49 -10.13
N SER F 209 5.04 1.59 -9.64
CA SER F 209 4.28 2.65 -8.98
C SER F 209 3.42 2.10 -7.85
N THR F 210 4.04 1.27 -7.02
CA THR F 210 3.33 0.57 -5.96
C THR F 210 3.85 0.96 -4.58
N LYS F 211 2.92 1.19 -3.66
CA LYS F 211 3.24 1.28 -2.24
C LYS F 211 2.33 0.35 -1.47
N VAL F 212 2.90 -0.41 -0.55
CA VAL F 212 2.12 -1.35 0.26
C VAL F 212 2.47 -1.19 1.73
N ASP F 213 1.44 -1.09 2.57
CA ASP F 213 1.63 -1.12 4.01
C ASP F 213 1.08 -2.42 4.57
N LYS F 214 1.90 -3.13 5.32
CA LYS F 214 1.49 -4.40 5.89
C LYS F 214 1.67 -4.43 7.40
N LYS F 215 0.56 -4.33 8.14
CA LYS F 215 0.63 -4.41 9.59
C LYS F 215 0.88 -5.85 10.04
N ILE F 216 1.81 -6.04 10.96
CA ILE F 216 2.13 -7.36 11.46
C ILE F 216 1.19 -7.73 12.60
N GLU F 217 0.31 -8.70 12.37
CA GLU F 217 -0.65 -9.14 13.37
C GLU F 217 -0.23 -10.48 13.96
N PRO F 218 -0.50 -10.68 15.26
CA PRO F 218 -0.28 -11.99 15.88
C PRO F 218 -1.03 -13.11 15.15
N ARG F 219 -0.42 -14.28 15.04
CA ARG F 219 -1.06 -15.43 14.40
C ARG F 219 -2.19 -15.97 15.27
C1 GOL G . -20.71 -4.30 9.30
O1 GOL G . -20.56 -5.30 10.28
C2 GOL G . -21.87 -3.39 9.68
O2 GOL G . -21.57 -2.06 9.31
C3 GOL G . -23.14 -3.84 8.95
O3 GOL G . -24.21 -2.98 9.28
C1 GOL H . 24.45 3.49 -8.32
O1 GOL H . 23.54 3.60 -9.39
C2 GOL H . 24.10 2.26 -7.48
O2 GOL H . 23.30 1.39 -8.25
C3 GOL H . 25.39 1.55 -7.08
O3 GOL H . 26.21 1.36 -8.21
#